data_5FL5
#
_entry.id   5FL5
#
_cell.length_a   152.380
_cell.length_b   152.380
_cell.length_c   170.590
_cell.angle_alpha   90.00
_cell.angle_beta   90.00
_cell.angle_gamma   120.00
#
_symmetry.space_group_name_H-M   'H 3'
#
loop_
_entity.id
_entity.type
_entity.pdbx_description
1 polymer 'CARBONIC ANHYDRASE IX'
2 non-polymer 5-[1-(4-methoxyphenyl)-1,2,3-triazol-4-yl]thiophene-2-sulfonamide
3 non-polymer 'ZINC ION'
4 non-polymer GLYCEROL
5 non-polymer 'SULFATE ION'
6 non-polymer 2-AMINO-2-HYDROXYMETHYL-PROPANE-1,3-DIOL
7 water water
#
_entity_poly.entity_id   1
_entity_poly.type   'polypeptide(L)'
_entity_poly.pdbx_seq_one_letter_code
;GPDQSHWRYGGDPPWPRVSPACAGRFQSPVDIRPQLAAFSPALRPLELLGFQLPPLPELRLRNNGHSVQLTLPPGLEMAL
GPGREYRALQLHLHWGAAGRPGSEHTVEGHRFPAEIHVVHLSTAFARVDEALGRPGGLAVLAAFLEEGPEENSAYEQLLS
RLEEIAEEGSETQVPGLDISALLPSDFSRYFQYEGSLTTPPCAQGVIWTVFNQTVMLSAKQLHTLSDTLWGPGDSRLQLN
FRATQPLNGRVIEASFP
;
_entity_poly.pdbx_strand_id   A,B,C,D
#
loop_
_chem_comp.id
_chem_comp.type
_chem_comp.name
_chem_comp.formula
82E non-polymer 5-[1-(4-methoxyphenyl)-1,2,3-triazol-4-yl]thiophene-2-sulfonamide 'C13 H12 N4 O3 S2'
GOL non-polymer GLYCEROL 'C3 H8 O3'
SO4 non-polymer 'SULFATE ION' 'O4 S -2'
TRS non-polymer 2-AMINO-2-HYDROXYMETHYL-PROPANE-1,3-DIOL 'C4 H12 N O3 1'
ZN non-polymer 'ZINC ION' 'Zn 2'
#
# COMPACT_ATOMS: atom_id res chain seq x y z
N TRP A 7 -18.18 8.88 -11.71
CA TRP A 7 -17.13 9.89 -12.08
C TRP A 7 -17.01 10.08 -13.58
N ARG A 8 -16.56 11.26 -13.99
CA ARG A 8 -16.33 11.56 -15.40
C ARG A 8 -15.15 12.54 -15.58
N TYR A 9 -14.63 12.62 -16.80
CA TYR A 9 -13.71 13.71 -17.17
C TYR A 9 -14.46 15.02 -17.41
N GLY A 10 -13.81 16.14 -17.12
CA GLY A 10 -14.37 17.47 -17.40
C GLY A 10 -15.54 17.98 -16.57
N GLY A 11 -15.88 17.31 -15.45
CA GLY A 11 -16.98 17.76 -14.61
C GLY A 11 -17.31 16.90 -13.40
N ASP A 12 -18.38 17.27 -12.69
CA ASP A 12 -18.77 16.66 -11.41
C ASP A 12 -19.14 15.18 -11.57
N PRO A 13 -19.01 14.38 -10.51
CA PRO A 13 -18.61 14.81 -9.15
C PRO A 13 -17.10 15.07 -8.95
N PRO A 14 -16.72 15.92 -7.97
CA PRO A 14 -15.29 16.09 -7.66
C PRO A 14 -14.66 14.74 -7.32
N TRP A 15 -13.51 14.44 -7.92
CA TRP A 15 -12.88 13.11 -7.75
C TRP A 15 -12.60 12.73 -6.28
N PRO A 16 -12.10 13.68 -5.45
CA PRO A 16 -11.87 13.33 -4.03
C PRO A 16 -13.10 12.96 -3.21
N ARG A 17 -14.30 13.42 -3.64
CA ARG A 17 -15.58 12.99 -3.07
C ARG A 17 -15.86 11.54 -3.41
N VAL A 18 -15.54 11.15 -4.64
CA VAL A 18 -15.62 9.75 -5.08
C VAL A 18 -14.58 8.89 -4.35
N SER A 19 -13.34 9.37 -4.29
CA SER A 19 -12.29 8.65 -3.61
C SER A 19 -11.26 9.66 -3.09
N PRO A 20 -11.13 9.81 -1.74
CA PRO A 20 -10.18 10.76 -1.17
C PRO A 20 -8.74 10.59 -1.67
N ALA A 21 -8.38 9.37 -2.07
CA ALA A 21 -7.05 9.11 -2.66
C ALA A 21 -6.73 9.96 -3.87
N CYS A 22 -7.75 10.46 -4.60
CA CYS A 22 -7.52 11.35 -5.73
C CYS A 22 -6.91 12.70 -5.38
N ALA A 23 -6.90 13.05 -4.09
CA ALA A 23 -6.27 14.27 -3.61
C ALA A 23 -4.94 13.99 -2.91
N GLY A 24 -4.36 12.81 -3.13
CA GLY A 24 -3.05 12.48 -2.61
C GLY A 24 -1.94 13.36 -3.21
N ARG A 25 -0.84 13.41 -2.48
CA ARG A 25 0.34 14.18 -2.87
C ARG A 25 1.09 13.55 -4.05
N PHE A 26 0.95 12.24 -4.25
CA PHE A 26 1.78 11.46 -5.21
C PHE A 26 0.97 10.76 -6.27
N GLN A 27 0.37 11.59 -7.15
CA GLN A 27 -0.59 11.13 -8.14
C GLN A 27 0.05 11.06 -9.52
N SER A 28 -0.67 10.42 -10.43
CA SER A 28 -0.29 10.29 -11.82
C SER A 28 -1.45 10.84 -12.66
N PRO A 29 -1.22 11.25 -13.91
CA PRO A 29 0.07 11.24 -14.58
C PRO A 29 0.91 12.47 -14.25
N VAL A 30 2.13 12.50 -14.76
CA VAL A 30 3.11 13.55 -14.47
C VAL A 30 3.73 14.02 -15.76
N ASP A 31 4.38 15.17 -15.66
CA ASP A 31 5.20 15.73 -16.73
C ASP A 31 6.60 15.23 -16.53
N ILE A 32 7.08 14.45 -17.48
CA ILE A 32 8.43 13.88 -17.39
C ILE A 32 9.41 14.92 -17.90
N ARG A 33 10.36 15.28 -17.03
CA ARG A 33 11.43 16.19 -17.38
C ARG A 33 12.76 15.41 -17.42
N PRO A 34 13.18 14.98 -18.62
CA PRO A 34 14.29 14.03 -18.66
C PRO A 34 15.57 14.57 -18.04
N GLN A 35 15.79 15.89 -18.07
CA GLN A 35 16.96 16.47 -17.40
C GLN A 35 16.93 16.35 -15.88
N LEU A 36 15.75 16.24 -15.28
CA LEU A 36 15.62 15.99 -13.85
C LEU A 36 15.49 14.53 -13.48
N ALA A 37 15.54 13.61 -14.45
CA ALA A 37 15.46 12.18 -14.14
C ALA A 37 16.81 11.68 -13.67
N ALA A 38 16.78 10.69 -12.79
CA ALA A 38 17.99 10.11 -12.23
C ALA A 38 18.30 8.84 -13.00
N PHE A 39 19.52 8.76 -13.55
CA PHE A 39 19.98 7.55 -14.20
C PHE A 39 20.18 6.51 -13.12
N SER A 40 19.48 5.40 -13.24
CA SER A 40 19.63 4.27 -12.34
C SER A 40 20.00 3.04 -13.14
N PRO A 41 21.30 2.66 -13.15
CA PRO A 41 21.77 1.46 -13.86
C PRO A 41 21.18 0.13 -13.42
N ALA A 42 20.56 0.07 -12.24
CA ALA A 42 19.87 -1.13 -11.81
C ALA A 42 18.62 -1.44 -12.67
N LEU A 43 18.10 -0.45 -13.41
CA LEU A 43 16.93 -0.66 -14.25
C LEU A 43 17.27 -1.41 -15.52
N ARG A 44 16.91 -2.69 -15.57
CA ARG A 44 17.23 -3.56 -16.70
C ARG A 44 16.08 -3.62 -17.68
N PRO A 45 16.29 -4.21 -18.86
CA PRO A 45 15.19 -4.32 -19.80
C PRO A 45 13.99 -5.05 -19.21
N LEU A 46 12.79 -4.57 -19.50
CA LEU A 46 11.56 -5.26 -19.14
C LEU A 46 11.45 -6.62 -19.83
N GLU A 47 10.87 -7.61 -19.14
CA GLU A 47 10.69 -8.94 -19.70
C GLU A 47 9.20 -9.31 -19.69
N LEU A 48 8.74 -9.82 -20.83
CA LEU A 48 7.38 -10.28 -21.02
C LEU A 48 7.42 -11.74 -21.41
N LEU A 49 6.42 -12.50 -20.97
CA LEU A 49 6.26 -13.92 -21.38
C LEU A 49 4.77 -14.21 -21.53
N GLY A 50 4.41 -14.89 -22.61
CA GLY A 50 3.03 -15.28 -22.85
C GLY A 50 2.18 -14.19 -23.51
N PHE A 51 2.80 -13.13 -24.01
CA PHE A 51 2.02 -12.03 -24.64
C PHE A 51 1.55 -12.34 -26.06
N GLN A 52 2.16 -13.33 -26.70
CA GLN A 52 1.74 -13.76 -28.04
C GLN A 52 0.65 -14.80 -27.88
N LEU A 53 -0.59 -14.39 -28.07
CA LEU A 53 -1.76 -15.21 -27.73
C LEU A 53 -2.22 -16.01 -28.93
N PRO A 54 -2.80 -17.19 -28.69
CA PRO A 54 -3.55 -17.84 -29.77
C PRO A 54 -4.84 -17.06 -30.09
N PRO A 55 -5.42 -17.28 -31.27
CA PRO A 55 -6.65 -16.59 -31.62
C PRO A 55 -7.82 -16.93 -30.67
N LEU A 56 -7.92 -18.18 -30.21
CA LEU A 56 -8.95 -18.59 -29.25
C LEU A 56 -8.27 -19.03 -27.97
N PRO A 57 -8.83 -18.73 -26.79
CA PRO A 57 -10.11 -18.00 -26.63
C PRO A 57 -10.02 -16.50 -26.97
N GLU A 58 -11.15 -15.95 -27.39
CA GLU A 58 -11.27 -14.53 -27.70
C GLU A 58 -11.24 -13.70 -26.41
N LEU A 59 -11.00 -12.41 -26.58
CA LEU A 59 -10.81 -11.43 -25.51
C LEU A 59 -11.98 -10.45 -25.54
N ARG A 60 -12.37 -9.93 -24.38
CA ARG A 60 -13.40 -8.89 -24.33
C ARG A 60 -12.83 -7.50 -24.57
N LEU A 61 -13.50 -6.74 -25.43
CA LEU A 61 -13.13 -5.39 -25.77
C LEU A 61 -14.35 -4.52 -25.47
N ARG A 62 -14.18 -3.54 -24.59
CA ARG A 62 -15.29 -2.82 -23.98
C ARG A 62 -15.15 -1.28 -24.07
N ASN A 63 -16.21 -0.62 -24.51
CA ASN A 63 -16.38 0.81 -24.31
C ASN A 63 -17.01 0.98 -22.93
N ASN A 64 -16.22 1.39 -21.94
CA ASN A 64 -16.76 1.57 -20.58
C ASN A 64 -17.22 3.00 -20.31
N GLY A 65 -17.35 3.81 -21.36
CA GLY A 65 -17.65 5.22 -21.24
C GLY A 65 -16.48 6.13 -20.91
N HIS A 66 -15.39 5.57 -20.38
CA HIS A 66 -14.14 6.33 -20.08
C HIS A 66 -12.95 5.98 -20.97
N SER A 67 -12.97 4.80 -21.57
CA SER A 67 -11.90 4.33 -22.40
C SER A 67 -12.41 3.17 -23.21
N VAL A 68 -11.56 2.67 -24.10
CA VAL A 68 -11.78 1.35 -24.66
C VAL A 68 -10.79 0.44 -23.95
N GLN A 69 -11.31 -0.64 -23.39
CA GLN A 69 -10.53 -1.56 -22.57
C GLN A 69 -10.59 -2.99 -23.11
N LEU A 70 -9.39 -3.58 -23.25
CA LEU A 70 -9.21 -4.96 -23.63
C LEU A 70 -8.86 -5.78 -22.39
N THR A 71 -9.70 -6.75 -22.07
CA THR A 71 -9.42 -7.63 -20.94
C THR A 71 -8.46 -8.71 -21.39
N LEU A 72 -7.39 -8.89 -20.62
CA LEU A 72 -6.37 -9.88 -20.94
C LEU A 72 -6.60 -11.20 -20.18
N PRO A 73 -6.25 -12.33 -20.78
CA PRO A 73 -6.45 -13.63 -20.17
C PRO A 73 -5.35 -13.95 -19.14
N PRO A 74 -5.52 -15.03 -18.36
CA PRO A 74 -4.43 -15.46 -17.49
C PRO A 74 -3.17 -15.82 -18.29
N GLY A 75 -2.01 -15.75 -17.64
CA GLY A 75 -0.74 -16.24 -18.17
C GLY A 75 0.18 -15.24 -18.84
N LEU A 76 -0.16 -13.96 -18.81
CA LEU A 76 0.69 -12.91 -19.36
C LEU A 76 1.57 -12.44 -18.24
N GLU A 77 2.83 -12.84 -18.27
CA GLU A 77 3.77 -12.53 -17.20
C GLU A 77 4.67 -11.37 -17.59
N MET A 78 4.90 -10.47 -16.64
CA MET A 78 5.75 -9.31 -16.84
C MET A 78 6.70 -9.18 -15.66
N ALA A 79 7.95 -8.82 -15.94
CA ALA A 79 8.91 -8.54 -14.88
C ALA A 79 9.58 -7.19 -15.08
N LEU A 80 9.58 -6.38 -14.02
CA LEU A 80 10.31 -5.10 -14.00
C LEU A 80 11.78 -5.32 -13.71
N GLY A 81 12.07 -6.49 -13.14
CA GLY A 81 13.43 -6.88 -12.91
C GLY A 81 13.37 -8.18 -12.13
N PRO A 82 14.54 -8.72 -11.80
CA PRO A 82 14.64 -9.94 -10.99
C PRO A 82 13.89 -9.78 -9.65
N GLY A 83 12.97 -10.66 -9.40
CA GLY A 83 12.14 -10.59 -8.25
C GLY A 83 11.03 -9.55 -8.25
N ARG A 84 10.71 -8.93 -9.39
CA ARG A 84 9.65 -7.90 -9.43
C ARG A 84 8.63 -8.38 -10.47
N GLU A 85 7.76 -9.32 -10.08
CA GLU A 85 7.01 -10.12 -11.05
C GLU A 85 5.53 -9.79 -11.00
N TYR A 86 4.94 -9.68 -12.19
CA TYR A 86 3.58 -9.21 -12.40
C TYR A 86 2.84 -10.10 -13.42
N ARG A 87 1.52 -10.00 -13.39
CA ARG A 87 0.63 -10.64 -14.34
C ARG A 87 -0.26 -9.56 -14.94
N ALA A 88 -0.41 -9.57 -16.26
CA ALA A 88 -1.21 -8.52 -16.95
C ALA A 88 -2.70 -8.79 -16.77
N LEU A 89 -3.45 -7.72 -16.51
CA LEU A 89 -4.90 -7.75 -16.29
C LEU A 89 -5.68 -7.25 -17.50
N GLN A 90 -5.27 -6.12 -18.02
CA GLN A 90 -6.06 -5.41 -19.03
C GLN A 90 -5.20 -4.31 -19.61
N LEU A 91 -5.62 -3.84 -20.79
CA LEU A 91 -5.02 -2.64 -21.36
C LEU A 91 -6.14 -1.74 -21.88
N HIS A 92 -5.84 -0.45 -21.95
CA HIS A 92 -6.77 0.53 -22.45
C HIS A 92 -6.01 1.73 -22.97
N LEU A 93 -6.76 2.68 -23.50
CA LEU A 93 -6.19 3.84 -24.19
C LEU A 93 -6.72 5.19 -23.66
N HIS A 94 -5.92 6.23 -23.87
CA HIS A 94 -6.31 7.60 -23.62
C HIS A 94 -5.94 8.39 -24.86
N TRP A 95 -6.83 9.29 -25.27
CA TRP A 95 -6.65 10.00 -26.53
C TRP A 95 -7.31 11.38 -26.51
N GLY A 96 -7.04 12.14 -27.55
CA GLY A 96 -7.56 13.52 -27.67
C GLY A 96 -8.78 13.66 -28.58
N ALA A 97 -8.70 14.61 -29.52
CA ALA A 97 -9.79 14.94 -30.44
C ALA A 97 -9.15 15.46 -31.71
N ALA A 98 -9.93 15.75 -32.74
CA ALA A 98 -9.34 16.17 -34.02
C ALA A 98 -8.41 17.35 -33.79
N GLY A 99 -7.14 17.17 -34.12
CA GLY A 99 -6.13 18.20 -33.86
C GLY A 99 -5.83 18.56 -32.41
N ARG A 100 -6.11 17.66 -31.46
CA ARG A 100 -5.74 17.93 -30.06
C ARG A 100 -5.18 16.66 -29.45
N PRO A 101 -4.02 16.76 -28.78
CA PRO A 101 -3.42 15.53 -28.22
C PRO A 101 -4.12 15.11 -26.93
N GLY A 102 -4.03 13.83 -26.59
CA GLY A 102 -4.64 13.34 -25.35
C GLY A 102 -3.91 12.28 -24.58
N SER A 103 -2.58 12.26 -24.69
CA SER A 103 -1.80 11.40 -23.81
C SER A 103 -1.96 11.91 -22.38
N GLU A 104 -1.75 11.03 -21.42
CA GLU A 104 -1.84 11.38 -20.01
C GLU A 104 -0.53 11.96 -19.54
N HIS A 105 0.55 11.19 -19.75
CA HIS A 105 1.89 11.70 -19.49
C HIS A 105 2.27 12.72 -20.55
N THR A 106 3.14 13.64 -20.16
CA THR A 106 3.72 14.61 -21.05
C THR A 106 5.24 14.56 -20.85
N VAL A 107 5.97 15.06 -21.84
CA VAL A 107 7.41 15.15 -21.76
C VAL A 107 7.78 16.60 -22.05
N GLU A 108 8.37 17.27 -21.07
CA GLU A 108 8.68 18.69 -21.15
C GLU A 108 7.47 19.50 -21.60
N GLY A 109 6.29 19.15 -21.08
CA GLY A 109 5.08 19.87 -21.42
C GLY A 109 4.45 19.41 -22.72
N HIS A 110 5.13 18.58 -23.54
CA HIS A 110 4.57 18.08 -24.79
C HIS A 110 3.57 16.95 -24.52
N ARG A 111 2.35 17.11 -25.02
CA ARG A 111 1.35 16.05 -24.96
C ARG A 111 1.31 15.34 -26.31
N PHE A 112 1.29 14.01 -26.28
CA PHE A 112 1.33 13.17 -27.48
C PHE A 112 -0.11 12.85 -27.88
N PRO A 113 -0.32 12.40 -29.13
CA PRO A 113 -1.70 12.15 -29.60
C PRO A 113 -2.47 11.20 -28.68
N ALA A 114 -1.84 10.11 -28.26
CA ALA A 114 -2.55 9.14 -27.44
C ALA A 114 -1.60 8.35 -26.58
N GLU A 115 -2.14 7.51 -25.71
CA GLU A 115 -1.31 6.70 -24.80
C GLU A 115 -1.98 5.36 -24.53
N ILE A 116 -1.14 4.32 -24.47
CA ILE A 116 -1.60 3.00 -24.07
C ILE A 116 -1.11 2.71 -22.67
N HIS A 117 -2.01 2.09 -21.88
CA HIS A 117 -1.67 1.57 -20.56
C HIS A 117 -1.94 0.08 -20.45
N VAL A 118 -0.93 -0.69 -20.01
CA VAL A 118 -1.10 -2.15 -19.76
C VAL A 118 -0.91 -2.31 -18.26
N VAL A 119 -2.00 -2.70 -17.59
CA VAL A 119 -2.10 -2.72 -16.14
C VAL A 119 -1.82 -4.14 -15.63
N HIS A 120 -0.96 -4.24 -14.63
CA HIS A 120 -0.53 -5.50 -14.10
C HIS A 120 -0.71 -5.54 -12.57
N LEU A 121 -0.84 -6.77 -12.08
CA LEU A 121 -1.04 -7.08 -10.68
C LEU A 121 0.19 -7.84 -10.20
N SER A 122 0.76 -7.43 -9.08
CA SER A 122 1.86 -8.16 -8.45
C SER A 122 1.45 -9.59 -8.20
N THR A 123 2.38 -10.53 -8.45
CA THR A 123 2.14 -11.94 -8.15
C THR A 123 1.94 -12.20 -6.65
N ALA A 124 2.27 -11.22 -5.80
CA ALA A 124 2.04 -11.37 -4.36
C ALA A 124 0.58 -11.18 -3.96
N PHE A 125 -0.28 -10.75 -4.90
CA PHE A 125 -1.68 -10.49 -4.63
C PHE A 125 -2.56 -11.33 -5.56
N ALA A 126 -3.66 -11.87 -5.01
CA ALA A 126 -4.62 -12.65 -5.82
C ALA A 126 -5.59 -11.76 -6.56
N ARG A 127 -5.93 -10.61 -6.01
CA ARG A 127 -6.95 -9.74 -6.61
C ARG A 127 -6.52 -8.29 -6.61
N VAL A 128 -7.04 -7.53 -7.57
CA VAL A 128 -6.73 -6.11 -7.67
C VAL A 128 -7.05 -5.36 -6.38
N ASP A 129 -8.23 -5.62 -5.80
CA ASP A 129 -8.63 -4.87 -4.63
C ASP A 129 -7.70 -5.06 -3.42
N GLU A 130 -7.04 -6.21 -3.30
CA GLU A 130 -6.02 -6.42 -2.26
C GLU A 130 -4.75 -5.58 -2.53
N ALA A 131 -4.45 -5.34 -3.79
CA ALA A 131 -3.25 -4.62 -4.18
C ALA A 131 -3.36 -3.09 -4.15
N LEU A 132 -4.58 -2.57 -4.18
CA LEU A 132 -4.82 -1.12 -4.25
C LEU A 132 -4.21 -0.46 -3.06
N GLY A 133 -3.43 0.57 -3.31
CA GLY A 133 -2.76 1.29 -2.22
C GLY A 133 -1.54 0.62 -1.61
N ARG A 134 -1.19 -0.59 -2.03
CA ARG A 134 -0.02 -1.27 -1.48
C ARG A 134 1.18 -0.98 -2.36
N PRO A 135 2.37 -0.85 -1.77
CA PRO A 135 3.56 -0.48 -2.56
C PRO A 135 3.92 -1.50 -3.62
N GLY A 136 3.95 -1.06 -4.87
CA GLY A 136 4.23 -1.94 -6.00
C GLY A 136 3.17 -3.01 -6.27
N GLY A 137 1.99 -2.87 -5.69
CA GLY A 137 0.93 -3.87 -5.89
C GLY A 137 0.45 -3.92 -7.32
N LEU A 138 0.43 -2.75 -7.96
CA LEU A 138 0.08 -2.64 -9.35
C LEU A 138 1.19 -1.97 -10.10
N ALA A 139 1.37 -2.38 -11.35
CA ALA A 139 2.34 -1.78 -12.23
C ALA A 139 1.69 -1.52 -13.58
N VAL A 140 1.91 -0.32 -14.13
CA VAL A 140 1.39 0.02 -15.44
C VAL A 140 2.56 0.27 -16.39
N LEU A 141 2.49 -0.34 -17.55
CA LEU A 141 3.37 -0.05 -18.69
C LEU A 141 2.69 0.96 -19.59
N ALA A 142 3.38 2.05 -19.91
CA ALA A 142 2.80 3.15 -20.66
C ALA A 142 3.68 3.50 -21.86
N ALA A 143 3.05 3.67 -23.02
CA ALA A 143 3.73 4.11 -24.24
C ALA A 143 2.90 5.16 -24.94
N PHE A 144 3.56 6.14 -25.52
CA PHE A 144 2.88 7.17 -26.28
C PHE A 144 2.61 6.65 -27.68
N LEU A 145 1.50 7.09 -28.24
CA LEU A 145 1.13 6.76 -29.61
C LEU A 145 1.26 8.02 -30.46
N GLU A 146 2.00 7.93 -31.55
CA GLU A 146 2.24 9.04 -32.50
C GLU A 146 1.82 8.60 -33.90
N GLU A 147 1.74 9.55 -34.81
CA GLU A 147 1.45 9.27 -36.20
C GLU A 147 2.69 8.81 -36.98
N GLY A 148 2.56 7.64 -37.59
CA GLY A 148 3.52 7.18 -38.62
C GLY A 148 2.87 7.00 -39.98
N PRO A 149 3.68 6.60 -40.98
CA PRO A 149 3.19 6.46 -42.34
C PRO A 149 2.37 5.20 -42.64
N GLU A 150 2.45 4.18 -41.77
CA GLU A 150 1.85 2.89 -42.04
C GLU A 150 0.73 2.57 -41.08
N GLU A 151 -0.22 1.80 -41.57
CA GLU A 151 -1.17 1.14 -40.70
C GLU A 151 -0.46 0.17 -39.76
N ASN A 152 -0.72 0.32 -38.47
CA ASN A 152 -0.14 -0.55 -37.47
C ASN A 152 -1.07 -1.76 -37.37
N SER A 153 -0.60 -2.95 -37.75
CA SER A 153 -1.50 -4.09 -37.88
C SER A 153 -1.99 -4.63 -36.55
N ALA A 154 -1.17 -4.55 -35.50
CA ALA A 154 -1.62 -4.96 -34.18
C ALA A 154 -2.76 -4.04 -33.73
N TYR A 155 -2.55 -2.72 -33.77
CA TYR A 155 -3.63 -1.79 -33.40
C TYR A 155 -4.88 -1.94 -34.26
N GLU A 156 -4.69 -2.27 -35.54
CA GLU A 156 -5.82 -2.44 -36.45
C GLU A 156 -6.79 -3.52 -35.99
N GLN A 157 -6.28 -4.55 -35.33
CA GLN A 157 -7.11 -5.60 -34.75
C GLN A 157 -8.17 -5.06 -33.76
N LEU A 158 -7.82 -4.02 -33.01
CA LEU A 158 -8.73 -3.41 -32.07
C LEU A 158 -9.52 -2.27 -32.71
N LEU A 159 -8.82 -1.44 -33.47
CA LEU A 159 -9.42 -0.23 -34.03
C LEU A 159 -10.52 -0.52 -35.07
N SER A 160 -10.39 -1.63 -35.79
CA SER A 160 -11.39 -2.06 -36.77
C SER A 160 -12.68 -2.55 -36.12
N ARG A 161 -12.66 -2.76 -34.81
CA ARG A 161 -13.80 -3.19 -34.02
C ARG A 161 -14.47 -2.08 -33.20
N LEU A 162 -13.95 -0.86 -33.23
CA LEU A 162 -14.56 0.23 -32.45
C LEU A 162 -16.00 0.56 -32.88
N GLU A 163 -16.33 0.42 -34.17
CA GLU A 163 -17.68 0.69 -34.67
C GLU A 163 -18.70 -0.20 -33.96
N GLU A 164 -18.32 -1.45 -33.68
CA GLU A 164 -19.18 -2.38 -32.94
C GLU A 164 -19.47 -1.97 -31.50
N ILE A 165 -18.63 -1.12 -30.91
CA ILE A 165 -18.77 -0.74 -29.51
C ILE A 165 -18.88 0.78 -29.32
N ALA A 166 -19.45 1.47 -30.30
CA ALA A 166 -19.52 2.93 -30.31
C ALA A 166 -20.27 3.47 -29.10
N GLU A 167 -21.34 2.77 -28.73
CA GLU A 167 -22.20 3.17 -27.64
C GLU A 167 -21.54 2.89 -26.28
N GLU A 168 -21.65 3.85 -25.38
CA GLU A 168 -21.22 3.69 -24.01
C GLU A 168 -21.74 2.37 -23.46
N GLY A 169 -20.87 1.62 -22.81
CA GLY A 169 -21.29 0.37 -22.19
C GLY A 169 -21.38 -0.82 -23.10
N SER A 170 -20.99 -0.70 -24.36
CA SER A 170 -21.04 -1.86 -25.23
C SER A 170 -19.72 -2.63 -25.23
N GLU A 171 -19.81 -3.87 -25.67
CA GLU A 171 -18.64 -4.72 -25.79
C GLU A 171 -18.75 -5.70 -26.94
N THR A 172 -17.60 -6.27 -27.26
CA THR A 172 -17.47 -7.25 -28.34
C THR A 172 -16.30 -8.16 -28.00
N GLN A 173 -16.16 -9.26 -28.74
CA GLN A 173 -15.11 -10.25 -28.50
C GLN A 173 -14.15 -10.13 -29.65
N VAL A 174 -12.85 -10.18 -29.36
CA VAL A 174 -11.83 -10.13 -30.41
C VAL A 174 -10.88 -11.32 -30.28
N PRO A 175 -10.38 -11.84 -31.41
CA PRO A 175 -9.38 -12.90 -31.31
C PRO A 175 -8.12 -12.43 -30.61
N GLY A 176 -7.50 -13.34 -29.88
CA GLY A 176 -6.18 -13.08 -29.31
C GLY A 176 -5.21 -12.65 -30.39
N LEU A 177 -4.25 -11.83 -30.00
CA LEU A 177 -3.25 -11.27 -30.90
C LEU A 177 -1.96 -11.17 -30.11
N ASP A 178 -0.92 -10.67 -30.76
CA ASP A 178 0.34 -10.40 -30.07
C ASP A 178 0.21 -9.09 -29.29
N ILE A 179 -0.03 -9.22 -28.00
CA ILE A 179 -0.26 -8.05 -27.16
C ILE A 179 1.03 -7.19 -27.08
N SER A 180 2.20 -7.83 -27.14
CA SER A 180 3.47 -7.12 -27.05
C SER A 180 3.67 -6.25 -28.30
N ALA A 181 3.02 -6.60 -29.43
CA ALA A 181 3.09 -5.77 -30.60
C ALA A 181 2.30 -4.46 -30.46
N LEU A 182 1.56 -4.25 -29.37
CA LEU A 182 0.93 -2.95 -29.10
C LEU A 182 1.87 -2.01 -28.34
N LEU A 183 3.05 -2.51 -28.00
CA LEU A 183 4.02 -1.78 -27.23
C LEU A 183 5.25 -1.56 -28.10
N PRO A 184 6.10 -0.59 -27.71
CA PRO A 184 7.32 -0.40 -28.49
C PRO A 184 8.25 -1.61 -28.48
N SER A 185 9.06 -1.67 -29.49
CA SER A 185 10.10 -2.66 -29.63
C SER A 185 11.23 -2.50 -28.61
N ASP A 186 11.49 -1.28 -28.18
CA ASP A 186 12.58 -1.02 -27.25
C ASP A 186 12.07 -1.15 -25.81
N PHE A 187 12.42 -2.22 -25.13
CA PHE A 187 12.06 -2.46 -23.72
C PHE A 187 13.20 -2.10 -22.77
N SER A 188 14.28 -1.51 -23.29
CA SER A 188 15.46 -1.18 -22.50
C SER A 188 15.49 0.21 -21.93
N ARG A 189 14.85 1.15 -22.65
CA ARG A 189 14.96 2.58 -22.37
C ARG A 189 13.61 3.11 -21.96
N TYR A 190 13.51 3.48 -20.67
CA TYR A 190 12.27 3.89 -20.09
C TYR A 190 12.48 4.77 -18.88
N PHE A 191 11.40 5.44 -18.49
CA PHE A 191 11.31 6.16 -17.23
C PHE A 191 10.47 5.33 -16.29
N GLN A 192 10.76 5.47 -15.01
CA GLN A 192 10.02 4.75 -14.00
C GLN A 192 9.88 5.61 -12.75
N TYR A 193 8.68 5.64 -12.21
CA TYR A 193 8.40 6.36 -10.98
C TYR A 193 7.22 5.72 -10.26
N GLU A 194 7.02 6.11 -9.01
CA GLU A 194 5.90 5.64 -8.22
C GLU A 194 4.81 6.70 -8.13
N GLY A 195 3.58 6.28 -8.37
CA GLY A 195 2.45 7.21 -8.46
C GLY A 195 1.14 6.50 -8.21
N SER A 196 0.13 6.81 -9.02
CA SER A 196 -1.24 6.42 -8.72
C SER A 196 -1.97 5.99 -9.94
N LEU A 197 -3.15 5.41 -9.71
CA LEU A 197 -4.13 5.24 -10.77
C LEU A 197 -4.58 6.64 -11.21
N THR A 198 -4.81 6.81 -12.51
CA THR A 198 -5.15 8.11 -13.11
C THR A 198 -6.64 8.38 -13.17
N THR A 199 -7.44 7.44 -12.68
CA THR A 199 -8.86 7.66 -12.47
C THR A 199 -9.19 7.14 -11.08
N PRO A 200 -10.39 7.48 -10.56
CA PRO A 200 -10.79 6.89 -9.27
C PRO A 200 -10.69 5.37 -9.36
N PRO A 201 -10.22 4.70 -8.31
CA PRO A 201 -10.01 5.28 -6.96
C PRO A 201 -8.68 6.04 -6.70
N CYS A 202 -7.85 6.22 -7.73
CA CYS A 202 -6.59 6.99 -7.62
C CYS A 202 -5.64 6.46 -6.55
N ALA A 203 -5.64 5.15 -6.35
CA ALA A 203 -4.83 4.54 -5.32
C ALA A 203 -3.35 4.73 -5.64
N GLN A 204 -2.58 5.07 -4.61
CA GLN A 204 -1.14 5.25 -4.74
C GLN A 204 -0.41 3.90 -4.64
N GLY A 205 0.91 3.92 -4.78
CA GLY A 205 1.73 2.71 -4.77
C GLY A 205 1.92 2.06 -6.13
N VAL A 206 1.46 2.73 -7.19
CA VAL A 206 1.48 2.16 -8.52
C VAL A 206 2.84 2.47 -9.13
N ILE A 207 3.48 1.42 -9.66
CA ILE A 207 4.75 1.60 -10.36
C ILE A 207 4.49 1.87 -11.84
N TRP A 208 4.88 3.07 -12.29
CA TRP A 208 4.70 3.50 -13.68
C TRP A 208 6.00 3.34 -14.44
N THR A 209 5.91 2.68 -15.60
CA THR A 209 7.01 2.60 -16.52
C THR A 209 6.55 3.22 -17.83
N VAL A 210 7.24 4.27 -18.27
CA VAL A 210 6.97 4.96 -19.50
C VAL A 210 8.13 4.78 -20.49
N PHE A 211 7.83 4.13 -21.61
CA PHE A 211 8.82 3.86 -22.66
C PHE A 211 9.29 5.16 -23.31
N ASN A 212 10.60 5.21 -23.58
CA ASN A 212 11.26 6.26 -24.39
C ASN A 212 10.72 6.20 -25.82
N GLN A 213 10.71 5.01 -26.42
CA GLN A 213 10.28 4.87 -27.80
C GLN A 213 8.76 4.93 -27.92
N THR A 214 8.26 5.62 -28.94
CA THR A 214 6.83 5.67 -29.13
C THR A 214 6.34 4.61 -30.11
N VAL A 215 5.04 4.33 -30.06
CA VAL A 215 4.36 3.46 -31.00
C VAL A 215 3.71 4.31 -32.12
N MET A 216 3.83 3.85 -33.36
CA MET A 216 3.36 4.60 -34.52
C MET A 216 2.05 4.02 -35.07
N LEU A 217 1.03 4.88 -35.17
CA LEU A 217 -0.25 4.55 -35.78
C LEU A 217 -0.46 5.45 -37.00
N SER A 218 -1.26 5.01 -37.98
CA SER A 218 -1.60 5.89 -39.09
C SER A 218 -2.54 7.03 -38.67
N ALA A 219 -2.58 8.07 -39.48
CA ALA A 219 -3.52 9.16 -39.25
C ALA A 219 -4.93 8.64 -39.19
N LYS A 220 -5.28 7.78 -40.13
CA LYS A 220 -6.60 7.16 -40.16
C LYS A 220 -6.88 6.43 -38.84
N GLN A 221 -5.92 5.65 -38.38
CA GLN A 221 -6.06 4.95 -37.10
C GLN A 221 -6.29 5.88 -35.92
N LEU A 222 -5.51 6.95 -35.83
CA LEU A 222 -5.66 7.91 -34.75
C LEU A 222 -7.03 8.60 -34.79
N HIS A 223 -7.47 8.95 -36.01
CA HIS A 223 -8.83 9.51 -36.20
C HIS A 223 -9.94 8.49 -35.79
N THR A 224 -9.79 7.23 -36.18
CA THR A 224 -10.75 6.18 -35.78
C THR A 224 -10.84 6.07 -34.25
N LEU A 225 -9.70 6.14 -33.56
CA LEU A 225 -9.67 6.07 -32.12
C LEU A 225 -10.44 7.22 -31.46
N SER A 226 -10.23 8.45 -31.94
CA SER A 226 -10.82 9.63 -31.32
C SER A 226 -12.22 10.01 -31.83
N ASP A 227 -12.66 9.41 -32.94
CA ASP A 227 -13.90 9.80 -33.61
C ASP A 227 -15.02 8.76 -33.55
N THR A 228 -14.76 7.57 -33.00
CA THR A 228 -15.74 6.48 -33.09
C THR A 228 -16.57 6.22 -31.83
N LEU A 229 -16.02 6.46 -30.65
CA LEU A 229 -16.68 6.04 -29.41
C LEU A 229 -17.44 7.19 -28.77
N TRP A 230 -18.55 6.84 -28.12
CA TRP A 230 -19.40 7.79 -27.39
C TRP A 230 -19.38 7.46 -25.89
N GLY A 231 -19.40 8.51 -25.07
CA GLY A 231 -19.26 8.40 -23.63
C GLY A 231 -20.54 8.77 -22.89
N PRO A 232 -20.42 9.23 -21.63
CA PRO A 232 -21.61 9.61 -20.86
C PRO A 232 -22.39 10.74 -21.51
N GLY A 233 -23.71 10.69 -21.40
CA GLY A 233 -24.60 11.68 -22.01
C GLY A 233 -24.72 11.38 -23.49
N ASP A 234 -25.01 12.40 -24.30
CA ASP A 234 -24.95 12.27 -25.74
C ASP A 234 -23.58 12.79 -26.24
N SER A 235 -22.52 12.50 -25.49
CA SER A 235 -21.21 13.12 -25.72
C SER A 235 -20.18 12.13 -26.30
N ARG A 236 -19.33 12.63 -27.18
CA ARG A 236 -18.21 11.85 -27.74
C ARG A 236 -17.16 11.49 -26.69
N LEU A 237 -16.61 10.29 -26.79
CA LEU A 237 -15.55 9.83 -25.86
C LEU A 237 -14.21 10.31 -26.45
N GLN A 238 -13.78 11.46 -25.95
CA GLN A 238 -12.61 12.18 -26.43
C GLN A 238 -11.95 12.85 -25.24
N LEU A 239 -10.67 13.17 -25.36
CA LEU A 239 -9.95 13.95 -24.36
C LEU A 239 -10.06 13.28 -23.00
N ASN A 240 -9.89 11.97 -22.98
CA ASN A 240 -10.12 11.16 -21.79
C ASN A 240 -8.80 10.97 -21.05
N PHE A 241 -8.25 12.09 -20.59
CA PHE A 241 -6.99 12.07 -19.83
C PHE A 241 -7.15 12.97 -18.62
N ARG A 242 -6.43 12.64 -17.56
CA ARG A 242 -6.38 13.44 -16.35
C ARG A 242 -5.39 14.56 -16.53
N ALA A 243 -5.67 15.69 -15.89
CA ALA A 243 -4.71 16.78 -15.83
C ALA A 243 -3.41 16.34 -15.17
N THR A 244 -2.31 16.92 -15.62
CA THR A 244 -1.00 16.63 -15.13
C THR A 244 -0.91 16.89 -13.64
N GLN A 245 -0.29 15.98 -12.91
CA GLN A 245 -0.12 16.07 -11.47
C GLN A 245 1.33 16.38 -11.17
N PRO A 246 1.59 17.18 -10.14
CA PRO A 246 2.97 17.56 -9.83
C PRO A 246 3.76 16.40 -9.23
N LEU A 247 5.06 16.37 -9.51
CA LEU A 247 5.92 15.34 -8.94
C LEU A 247 5.99 15.44 -7.43
N ASN A 248 5.92 16.68 -6.91
CA ASN A 248 5.96 16.93 -5.47
C ASN A 248 7.15 16.31 -4.73
N GLY A 249 8.30 16.33 -5.40
CA GLY A 249 9.55 15.90 -4.82
C GLY A 249 9.98 14.50 -5.19
N ARG A 250 9.08 13.73 -5.81
CA ARG A 250 9.45 12.47 -6.40
C ARG A 250 10.48 12.69 -7.47
N VAL A 251 11.41 11.77 -7.55
CA VAL A 251 12.43 11.75 -8.59
C VAL A 251 12.07 10.63 -9.56
N ILE A 252 11.88 10.95 -10.83
CA ILE A 252 11.69 9.95 -11.87
C ILE A 252 13.02 9.30 -12.20
N GLU A 253 13.04 7.98 -12.32
CA GLU A 253 14.27 7.27 -12.67
C GLU A 253 14.27 7.01 -14.17
N ALA A 254 15.48 6.89 -14.73
CA ALA A 254 15.66 6.55 -16.14
C ALA A 254 16.59 5.37 -16.23
N SER A 255 16.32 4.48 -17.17
CA SER A 255 17.16 3.30 -17.38
C SER A 255 18.41 3.61 -18.24
N PHE A 256 18.59 4.88 -18.64
CA PHE A 256 19.64 5.32 -19.55
C PHE A 256 20.13 6.70 -19.12
N PRO A 257 21.42 6.98 -19.30
CA PRO A 257 21.97 8.26 -18.88
C PRO A 257 21.57 9.40 -19.82
N TRP B 7 13.41 -24.39 14.65
CA TRP B 7 14.58 -24.22 13.72
C TRP B 7 15.80 -23.74 14.50
N ARG B 8 16.99 -24.06 14.01
CA ARG B 8 18.23 -23.73 14.70
C ARG B 8 19.26 -23.27 13.70
N TYR B 9 20.27 -22.56 14.20
CA TYR B 9 21.48 -22.26 13.44
C TYR B 9 22.47 -23.42 13.55
N GLY B 10 23.21 -23.64 12.47
CA GLY B 10 24.30 -24.61 12.44
C GLY B 10 23.94 -26.07 12.55
N GLY B 11 22.68 -26.44 12.24
CA GLY B 11 22.24 -27.85 12.25
C GLY B 11 22.16 -28.43 10.85
N ASP B 12 21.65 -29.66 10.78
CA ASP B 12 21.35 -30.36 9.54
C ASP B 12 19.91 -30.85 9.72
N PRO B 13 19.09 -30.94 8.69
CA PRO B 13 19.41 -30.49 7.33
C PRO B 13 19.33 -28.96 7.20
N PRO B 14 19.81 -28.40 6.07
CA PRO B 14 19.61 -26.96 5.89
C PRO B 14 18.11 -26.57 5.92
N TRP B 15 17.83 -25.30 6.21
CA TRP B 15 16.45 -24.80 6.35
C TRP B 15 15.53 -25.07 5.15
N PRO B 16 16.05 -24.99 3.91
CA PRO B 16 15.16 -25.26 2.78
C PRO B 16 14.47 -26.62 2.86
N ARG B 17 15.24 -27.63 3.28
CA ARG B 17 14.75 -29.01 3.42
C ARG B 17 13.64 -29.19 4.49
N VAL B 18 13.32 -28.14 5.25
CA VAL B 18 12.24 -28.10 6.26
C VAL B 18 11.23 -26.95 6.07
N SER B 19 11.70 -25.77 5.62
CA SER B 19 10.89 -24.59 5.29
C SER B 19 11.18 -24.22 3.82
N PRO B 20 10.41 -24.76 2.85
CA PRO B 20 10.64 -24.52 1.41
C PRO B 20 10.83 -23.05 0.99
N ALA B 21 10.18 -22.12 1.68
CA ALA B 21 10.37 -20.69 1.45
C ALA B 21 11.84 -20.29 1.51
N CYS B 22 12.62 -20.96 2.37
CA CYS B 22 14.04 -20.66 2.49
C CYS B 22 14.86 -20.98 1.23
N ALA B 23 14.26 -21.74 0.30
CA ALA B 23 14.86 -22.02 -1.01
C ALA B 23 14.37 -21.06 -2.09
N GLY B 24 13.72 -19.96 -1.73
CA GLY B 24 13.33 -18.97 -2.73
C GLY B 24 14.56 -18.38 -3.45
N ARG B 25 14.30 -17.75 -4.60
CA ARG B 25 15.38 -17.19 -5.43
C ARG B 25 15.99 -15.89 -4.91
N PHE B 26 15.26 -15.18 -4.06
CA PHE B 26 15.61 -13.80 -3.69
C PHE B 26 15.72 -13.63 -2.17
N GLN B 27 16.72 -14.31 -1.63
CA GLN B 27 16.92 -14.41 -0.20
C GLN B 27 17.97 -13.43 0.31
N SER B 28 17.99 -13.29 1.62
CA SER B 28 18.97 -12.50 2.34
C SER B 28 19.61 -13.38 3.42
N PRO B 29 20.83 -13.07 3.88
CA PRO B 29 21.62 -11.92 3.49
C PRO B 29 22.45 -12.19 2.24
N VAL B 30 23.18 -11.16 1.78
CA VAL B 30 23.98 -11.21 0.55
C VAL B 30 25.32 -10.54 0.80
N ASP B 31 26.26 -10.83 -0.07
CA ASP B 31 27.52 -10.15 -0.08
C ASP B 31 27.38 -8.88 -0.90
N ILE B 32 27.77 -7.74 -0.32
CA ILE B 32 27.74 -6.43 -0.96
C ILE B 32 29.10 -6.19 -1.64
N ARG B 33 29.07 -5.91 -2.93
CA ARG B 33 30.26 -5.59 -3.69
C ARG B 33 30.10 -4.16 -4.16
N PRO B 34 30.66 -3.19 -3.39
CA PRO B 34 30.39 -1.78 -3.67
C PRO B 34 30.72 -1.37 -5.09
N GLN B 35 31.74 -1.96 -5.72
CA GLN B 35 32.08 -1.58 -7.10
C GLN B 35 31.01 -1.98 -8.12
N LEU B 36 30.17 -2.95 -7.74
CA LEU B 36 29.11 -3.42 -8.62
C LEU B 36 27.77 -2.89 -8.23
N ALA B 37 27.72 -2.07 -7.18
CA ALA B 37 26.47 -1.48 -6.76
C ALA B 37 26.07 -0.37 -7.72
N ALA B 38 24.77 -0.26 -8.00
CA ALA B 38 24.29 0.76 -8.92
C ALA B 38 23.94 2.06 -8.19
N PHE B 39 24.73 3.13 -8.42
CA PHE B 39 24.38 4.46 -7.90
C PHE B 39 23.10 5.00 -8.52
N SER B 40 22.08 5.28 -7.69
CA SER B 40 20.92 6.06 -8.17
C SER B 40 20.69 7.26 -7.30
N PRO B 41 20.73 8.45 -7.91
CA PRO B 41 20.48 9.65 -7.12
C PRO B 41 19.03 9.79 -6.63
N ALA B 42 18.12 8.90 -7.04
CA ALA B 42 16.78 8.89 -6.48
C ALA B 42 16.72 8.38 -5.04
N LEU B 43 17.75 7.67 -4.56
CA LEU B 43 17.81 7.22 -3.17
C LEU B 43 18.13 8.41 -2.23
N ARG B 44 17.12 8.90 -1.53
CA ARG B 44 17.24 10.08 -0.66
C ARG B 44 17.65 9.70 0.74
N PRO B 45 18.14 10.67 1.54
CA PRO B 45 18.46 10.34 2.92
C PRO B 45 17.26 9.75 3.66
N LEU B 46 17.53 8.75 4.48
CA LEU B 46 16.48 8.12 5.28
C LEU B 46 15.92 9.15 6.25
N GLU B 47 14.63 9.07 6.50
CA GLU B 47 13.98 9.92 7.48
C GLU B 47 13.47 9.06 8.62
N LEU B 48 13.90 9.35 9.84
CA LEU B 48 13.52 8.62 11.03
C LEU B 48 13.06 9.63 12.08
N LEU B 49 11.75 9.62 12.39
CA LEU B 49 11.17 10.53 13.38
C LEU B 49 10.52 9.75 14.50
N GLY B 50 10.59 10.29 15.71
CA GLY B 50 10.05 9.64 16.88
C GLY B 50 10.97 8.61 17.54
N PHE B 51 12.23 8.53 17.13
CA PHE B 51 13.15 7.49 17.64
C PHE B 51 13.79 7.84 18.99
N GLN B 52 13.73 9.11 19.36
CA GLN B 52 14.36 9.60 20.59
C GLN B 52 13.41 9.34 21.77
N LEU B 53 13.39 8.11 22.29
CA LEU B 53 12.41 7.70 23.28
C LEU B 53 12.76 8.24 24.67
N PRO B 54 11.74 8.66 25.43
CA PRO B 54 11.98 9.10 26.81
C PRO B 54 12.25 7.91 27.74
N PRO B 55 12.79 8.15 28.95
CA PRO B 55 13.09 7.06 29.89
C PRO B 55 11.91 6.17 30.29
N LEU B 56 10.69 6.70 30.31
CA LEU B 56 9.49 5.91 30.57
C LEU B 56 8.50 6.17 29.46
N PRO B 57 7.75 5.16 28.98
CA PRO B 57 7.71 3.79 29.53
C PRO B 57 8.89 2.90 29.19
N GLU B 58 9.10 1.87 29.99
CA GLU B 58 10.16 0.91 29.75
C GLU B 58 9.84 0.04 28.53
N LEU B 59 10.86 -0.58 27.96
CA LEU B 59 10.75 -1.39 26.75
C LEU B 59 11.09 -2.82 27.08
N ARG B 60 10.41 -3.74 26.44
CA ARG B 60 10.70 -5.16 26.62
C ARG B 60 11.99 -5.59 25.87
N LEU B 61 12.92 -6.22 26.60
CA LEU B 61 14.12 -6.84 26.05
C LEU B 61 14.04 -8.34 26.36
N ARG B 62 14.05 -9.17 25.31
CA ARG B 62 13.86 -10.61 25.44
C ARG B 62 14.99 -11.37 24.74
N ASN B 63 15.45 -12.44 25.40
CA ASN B 63 16.26 -13.47 24.77
C ASN B 63 15.29 -14.50 24.25
N ASN B 64 15.10 -14.54 22.94
CA ASN B 64 14.12 -15.46 22.34
C ASN B 64 14.77 -16.77 21.87
N GLY B 65 16.03 -17.00 22.21
CA GLY B 65 16.74 -18.20 21.76
C GLY B 65 17.55 -18.04 20.49
N HIS B 66 17.13 -17.10 19.64
CA HIS B 66 17.78 -16.83 18.36
C HIS B 66 18.48 -15.47 18.25
N SER B 67 18.12 -14.54 19.14
CA SER B 67 18.71 -13.20 19.23
C SER B 67 18.29 -12.57 20.56
N VAL B 68 18.79 -11.38 20.83
CA VAL B 68 18.20 -10.49 21.84
C VAL B 68 17.37 -9.47 21.06
N GLN B 69 16.11 -9.33 21.45
CA GLN B 69 15.16 -8.49 20.74
C GLN B 69 14.56 -7.43 21.65
N LEU B 70 14.62 -6.19 21.17
CA LEU B 70 14.01 -5.04 21.82
C LEU B 70 12.71 -4.67 21.11
N THR B 71 11.61 -4.69 21.87
CA THR B 71 10.28 -4.34 21.35
C THR B 71 10.14 -2.81 21.36
N LEU B 72 9.78 -2.25 20.20
CA LEU B 72 9.67 -0.82 20.08
C LEU B 72 8.20 -0.41 20.16
N PRO B 73 7.94 0.76 20.75
CA PRO B 73 6.59 1.27 20.86
C PRO B 73 6.06 1.87 19.56
N PRO B 74 4.74 2.18 19.52
CA PRO B 74 4.18 2.98 18.44
C PRO B 74 4.86 4.33 18.30
N GLY B 75 4.88 4.86 17.08
CA GLY B 75 5.30 6.24 16.84
C GLY B 75 6.68 6.46 16.24
N LEU B 76 7.39 5.39 15.93
CA LEU B 76 8.74 5.48 15.33
C LEU B 76 8.49 5.36 13.85
N GLU B 77 8.48 6.52 13.18
CA GLU B 77 8.10 6.61 11.79
C GLU B 77 9.36 6.71 10.95
N MET B 78 9.35 5.99 9.83
CA MET B 78 10.51 5.92 8.92
C MET B 78 10.05 6.04 7.46
N ALA B 79 10.80 6.76 6.63
CA ALA B 79 10.53 6.79 5.20
C ALA B 79 11.75 6.44 4.38
N LEU B 80 11.54 5.55 3.40
CA LEU B 80 12.54 5.23 2.40
C LEU B 80 12.49 6.17 1.21
N GLY B 81 11.38 6.88 1.06
CA GLY B 81 11.22 7.84 0.00
C GLY B 81 9.87 8.54 0.13
N PRO B 82 9.55 9.45 -0.83
CA PRO B 82 8.32 10.22 -0.72
C PRO B 82 7.07 9.34 -0.65
N GLY B 83 6.33 9.46 0.43
CA GLY B 83 5.15 8.62 0.64
C GLY B 83 5.40 7.16 0.99
N ARG B 84 6.67 6.74 1.09
CA ARG B 84 6.98 5.34 1.28
C ARG B 84 7.34 5.17 2.75
N GLU B 85 6.31 4.99 3.57
CA GLU B 85 6.43 5.16 5.01
C GLU B 85 6.27 3.85 5.78
N TYR B 86 6.96 3.79 6.91
CA TYR B 86 7.12 2.61 7.71
C TYR B 86 7.05 2.96 9.20
N ARG B 87 6.69 1.99 10.03
CA ARG B 87 6.76 2.14 11.47
C ARG B 87 7.61 1.01 12.04
N ALA B 88 8.52 1.37 12.95
CA ALA B 88 9.45 0.39 13.54
C ALA B 88 8.75 -0.49 14.56
N LEU B 89 8.99 -1.80 14.49
CA LEU B 89 8.38 -2.81 15.36
C LEU B 89 9.30 -3.27 16.46
N GLN B 90 10.55 -3.50 16.10
CA GLN B 90 11.52 -4.10 16.98
C GLN B 90 12.93 -3.97 16.39
N LEU B 91 13.92 -4.22 17.23
CA LEU B 91 15.28 -4.42 16.77
C LEU B 91 15.95 -5.61 17.48
N HIS B 92 16.92 -6.20 16.80
CA HIS B 92 17.68 -7.33 17.35
C HIS B 92 19.03 -7.35 16.69
N LEU B 93 19.90 -8.27 17.11
CA LEU B 93 21.26 -8.35 16.62
C LEU B 93 21.68 -9.74 16.18
N HIS B 94 22.75 -9.76 15.40
CA HIS B 94 23.37 -11.01 14.98
C HIS B 94 24.85 -10.88 15.27
N TRP B 95 25.45 -11.98 15.72
CA TRP B 95 26.85 -11.95 16.18
C TRP B 95 27.53 -13.30 16.06
N GLY B 96 28.84 -13.31 16.33
CA GLY B 96 29.65 -14.51 16.16
C GLY B 96 29.96 -15.23 17.49
N ALA B 97 31.24 -15.46 17.74
CA ALA B 97 31.71 -16.09 18.97
C ALA B 97 33.14 -15.62 19.17
N ALA B 98 33.80 -16.13 20.21
CA ALA B 98 35.21 -15.79 20.52
C ALA B 98 36.11 -15.71 19.29
N GLY B 99 36.52 -14.50 18.90
CA GLY B 99 37.35 -14.30 17.72
C GLY B 99 36.76 -14.83 16.40
N ARG B 100 35.44 -14.77 16.27
CA ARG B 100 34.78 -15.21 15.06
C ARG B 100 33.68 -14.16 14.75
N PRO B 101 33.75 -13.48 13.59
CA PRO B 101 32.71 -12.47 13.28
C PRO B 101 31.36 -13.10 12.96
N GLY B 102 30.29 -12.35 13.12
CA GLY B 102 28.96 -12.89 12.86
C GLY B 102 27.94 -11.92 12.30
N SER B 103 28.38 -10.95 11.49
CA SER B 103 27.41 -10.18 10.71
C SER B 103 26.75 -11.13 9.67
N GLU B 104 25.58 -10.71 9.19
CA GLU B 104 24.80 -11.48 8.23
C GLU B 104 25.23 -11.08 6.84
N HIS B 105 25.10 -9.78 6.55
CA HIS B 105 25.68 -9.23 5.31
C HIS B 105 27.20 -9.25 5.43
N THR B 106 27.85 -9.36 4.27
CA THR B 106 29.26 -9.19 4.15
C THR B 106 29.56 -8.11 3.10
N VAL B 107 30.77 -7.56 3.15
CA VAL B 107 31.24 -6.59 2.17
C VAL B 107 32.51 -7.12 1.55
N GLU B 108 32.44 -7.42 0.25
CA GLU B 108 33.54 -8.06 -0.49
C GLU B 108 34.09 -9.27 0.24
N GLY B 109 33.19 -10.08 0.81
CA GLY B 109 33.55 -11.29 1.52
C GLY B 109 33.93 -11.08 2.97
N HIS B 110 34.09 -9.83 3.40
CA HIS B 110 34.41 -9.51 4.79
C HIS B 110 33.17 -9.59 5.68
N ARG B 111 33.26 -10.40 6.72
CA ARG B 111 32.23 -10.52 7.74
C ARG B 111 32.63 -9.63 8.90
N PHE B 112 31.70 -8.78 9.35
CA PHE B 112 31.97 -7.87 10.46
C PHE B 112 31.60 -8.56 11.78
N PRO B 113 32.13 -8.07 12.91
CA PRO B 113 31.81 -8.68 14.21
C PRO B 113 30.31 -8.96 14.47
N ALA B 114 29.44 -7.98 14.21
CA ALA B 114 28.01 -8.14 14.48
C ALA B 114 27.21 -7.20 13.59
N GLU B 115 25.89 -7.33 13.66
CA GLU B 115 24.99 -6.57 12.81
C GLU B 115 23.73 -6.30 13.59
N ILE B 116 23.20 -5.10 13.45
CA ILE B 116 21.93 -4.71 14.04
C ILE B 116 20.87 -4.57 12.97
N HIS B 117 19.67 -5.04 13.30
CA HIS B 117 18.50 -4.96 12.44
C HIS B 117 17.34 -4.26 13.12
N VAL B 118 16.87 -3.20 12.49
CA VAL B 118 15.66 -2.51 12.92
C VAL B 118 14.55 -2.84 11.93
N VAL B 119 13.55 -3.58 12.37
CA VAL B 119 12.53 -4.10 11.49
C VAL B 119 11.30 -3.17 11.51
N HIS B 120 10.80 -2.84 10.32
CA HIS B 120 9.69 -1.95 10.14
C HIS B 120 8.59 -2.57 9.27
N LEU B 121 7.36 -2.08 9.49
CA LEU B 121 6.18 -2.49 8.79
C LEU B 121 5.68 -1.30 7.98
N SER B 122 5.46 -1.51 6.69
CA SER B 122 4.84 -0.52 5.82
C SER B 122 3.49 -0.06 6.40
N THR B 123 3.24 1.24 6.36
CA THR B 123 1.97 1.79 6.84
C THR B 123 0.79 1.41 5.95
N ALA B 124 1.04 0.82 4.78
CA ALA B 124 -0.04 0.32 3.94
C ALA B 124 -0.61 -0.99 4.43
N PHE B 125 0.03 -1.59 5.44
CA PHE B 125 -0.43 -2.85 6.01
C PHE B 125 -0.71 -2.68 7.51
N ALA B 126 -1.82 -3.24 7.98
CA ALA B 126 -2.19 -3.17 9.40
C ALA B 126 -1.41 -4.13 10.24
N ARG B 127 -1.06 -5.28 9.66
CA ARG B 127 -0.40 -6.35 10.39
C ARG B 127 0.80 -6.89 9.64
N VAL B 128 1.75 -7.42 10.41
CA VAL B 128 2.97 -7.99 9.88
C VAL B 128 2.63 -9.17 8.99
N ASP B 129 1.70 -10.01 9.41
CA ASP B 129 1.40 -11.20 8.63
C ASP B 129 0.78 -10.95 7.25
N GLU B 130 0.11 -9.82 7.06
CA GLU B 130 -0.31 -9.34 5.75
C GLU B 130 0.81 -8.80 4.87
N ALA B 131 1.84 -8.27 5.51
CA ALA B 131 3.01 -7.75 4.84
C ALA B 131 4.01 -8.82 4.39
N LEU B 132 4.07 -9.97 5.07
CA LEU B 132 5.02 -11.02 4.77
C LEU B 132 4.81 -11.50 3.35
N GLY B 133 5.89 -11.52 2.55
CA GLY B 133 5.81 -11.96 1.15
C GLY B 133 5.33 -10.89 0.16
N ARG B 134 4.93 -9.73 0.65
CA ARG B 134 4.43 -8.66 -0.23
C ARG B 134 5.59 -7.70 -0.49
N PRO B 135 5.74 -7.17 -1.71
CA PRO B 135 6.90 -6.33 -1.97
C PRO B 135 6.86 -5.05 -1.17
N GLY B 136 7.94 -4.79 -0.43
CA GLY B 136 8.04 -3.62 0.42
C GLY B 136 7.17 -3.63 1.67
N GLY B 137 6.56 -4.77 2.00
CA GLY B 137 5.68 -4.88 3.16
C GLY B 137 6.46 -4.65 4.45
N LEU B 138 7.68 -5.18 4.47
CA LEU B 138 8.61 -5.01 5.56
C LEU B 138 9.89 -4.38 5.03
N ALA B 139 10.49 -3.55 5.87
CA ALA B 139 11.77 -2.95 5.58
C ALA B 139 12.63 -3.08 6.80
N VAL B 140 13.88 -3.50 6.60
CA VAL B 140 14.86 -3.59 7.66
C VAL B 140 15.97 -2.59 7.41
N LEU B 141 16.33 -1.82 8.47
CA LEU B 141 17.56 -1.04 8.49
C LEU B 141 18.63 -1.86 9.15
N ALA B 142 19.77 -2.02 8.46
CA ALA B 142 20.89 -2.87 8.89
C ALA B 142 22.13 -2.05 8.99
N ALA B 143 22.88 -2.24 10.08
CA ALA B 143 24.16 -1.59 10.25
C ALA B 143 25.15 -2.59 10.80
N PHE B 144 26.38 -2.48 10.36
CA PHE B 144 27.47 -3.31 10.85
C PHE B 144 28.06 -2.73 12.12
N LEU B 145 28.37 -3.61 13.07
CA LEU B 145 29.06 -3.28 14.30
C LEU B 145 30.49 -3.79 14.21
N GLU B 146 31.45 -2.91 14.41
CA GLU B 146 32.88 -3.19 14.33
C GLU B 146 33.54 -2.87 15.67
N GLU B 147 34.75 -3.42 15.84
CA GLU B 147 35.55 -3.15 17.03
C GLU B 147 36.26 -1.82 16.90
N GLY B 148 36.01 -0.91 17.84
CA GLY B 148 36.72 0.34 17.97
C GLY B 148 37.38 0.46 19.33
N PRO B 149 38.18 1.52 19.54
CA PRO B 149 38.92 1.69 20.80
C PRO B 149 38.06 2.06 22.01
N GLU B 150 36.88 2.64 21.82
CA GLU B 150 36.06 3.16 22.91
C GLU B 150 34.76 2.40 23.14
N GLU B 151 34.27 2.46 24.39
CA GLU B 151 33.00 1.88 24.77
C GLU B 151 31.88 2.74 24.17
N ASN B 152 30.94 2.10 23.46
CA ASN B 152 29.78 2.79 22.91
C ASN B 152 28.68 2.86 23.96
N SER B 153 28.35 4.06 24.37
CA SER B 153 27.32 4.32 25.39
C SER B 153 25.95 3.81 25.02
N ALA B 154 25.57 4.03 23.76
CA ALA B 154 24.23 3.72 23.32
C ALA B 154 24.02 2.23 23.42
N TYR B 155 24.98 1.48 22.91
CA TYR B 155 24.91 0.03 22.98
C TYR B 155 25.03 -0.56 24.41
N GLU B 156 25.82 0.09 25.26
CA GLU B 156 25.92 -0.34 26.68
C GLU B 156 24.55 -0.42 27.40
N GLN B 157 23.58 0.42 27.01
CA GLN B 157 22.25 0.33 27.60
C GLN B 157 21.63 -1.03 27.37
N LEU B 158 21.91 -1.66 26.23
CA LEU B 158 21.41 -3.00 25.93
C LEU B 158 22.35 -4.08 26.44
N LEU B 159 23.64 -3.90 26.21
CA LEU B 159 24.62 -4.94 26.55
C LEU B 159 24.72 -5.19 28.06
N SER B 160 24.58 -4.12 28.84
CA SER B 160 24.64 -4.23 30.29
C SER B 160 23.43 -4.98 30.92
N ARG B 161 22.37 -5.21 30.14
CA ARG B 161 21.18 -5.93 30.60
C ARG B 161 21.11 -7.39 30.17
N LEU B 162 22.10 -7.83 29.41
CA LEU B 162 22.08 -9.17 28.86
C LEU B 162 22.22 -10.24 29.96
N GLU B 163 23.01 -9.95 31.01
CA GLU B 163 23.13 -10.87 32.17
C GLU B 163 21.74 -11.20 32.77
N GLU B 164 20.85 -10.21 32.79
CA GLU B 164 19.49 -10.41 33.31
C GLU B 164 18.63 -11.36 32.45
N ILE B 165 19.02 -11.59 31.19
CA ILE B 165 18.22 -12.43 30.28
C ILE B 165 19.05 -13.53 29.68
N ALA B 166 20.03 -14.02 30.44
CA ALA B 166 20.95 -15.03 29.95
C ALA B 166 20.26 -16.32 29.49
N GLU B 167 19.19 -16.71 30.19
CA GLU B 167 18.45 -17.93 29.86
C GLU B 167 17.52 -17.72 28.68
N GLU B 168 17.47 -18.69 27.77
CA GLU B 168 16.51 -18.71 26.67
C GLU B 168 15.11 -18.48 27.18
N GLY B 169 14.37 -17.62 26.50
CA GLY B 169 12.99 -17.33 26.86
C GLY B 169 12.83 -16.29 27.96
N SER B 170 13.91 -15.86 28.61
CA SER B 170 13.74 -14.87 29.67
C SER B 170 13.65 -13.46 29.07
N GLU B 171 13.12 -12.54 29.85
CA GLU B 171 12.99 -11.16 29.44
C GLU B 171 13.12 -10.23 30.62
N THR B 172 13.29 -8.95 30.30
CA THR B 172 13.44 -7.91 31.29
C THR B 172 12.90 -6.63 30.66
N GLN B 173 12.67 -5.63 31.50
CA GLN B 173 12.20 -4.32 31.05
C GLN B 173 13.38 -3.38 31.19
N VAL B 174 13.61 -2.54 30.18
CA VAL B 174 14.72 -1.60 30.22
C VAL B 174 14.17 -0.19 30.02
N PRO B 175 14.90 0.84 30.50
CA PRO B 175 14.42 2.20 30.24
C PRO B 175 14.45 2.54 28.78
N GLY B 176 13.63 3.51 28.41
CA GLY B 176 13.66 4.04 27.07
C GLY B 176 15.02 4.61 26.75
N LEU B 177 15.38 4.50 25.48
CA LEU B 177 16.65 4.98 24.96
C LEU B 177 16.46 5.56 23.57
N ASP B 178 17.43 6.34 23.13
CA ASP B 178 17.41 6.94 21.81
C ASP B 178 17.82 5.87 20.78
N ILE B 179 16.82 5.28 20.14
CA ILE B 179 17.01 4.17 19.20
C ILE B 179 17.89 4.62 18.03
N SER B 180 17.75 5.87 17.61
CA SER B 180 18.51 6.41 16.47
C SER B 180 20.00 6.53 16.78
N ALA B 181 20.36 6.62 18.06
CA ALA B 181 21.78 6.65 18.47
C ALA B 181 22.50 5.33 18.27
N LEU B 182 21.75 4.26 18.00
CA LEU B 182 22.35 2.95 17.71
C LEU B 182 22.79 2.82 16.27
N LEU B 183 22.53 3.85 15.47
CA LEU B 183 22.70 3.83 14.02
C LEU B 183 23.82 4.74 13.59
N PRO B 184 24.40 4.51 12.39
CA PRO B 184 25.54 5.29 11.96
C PRO B 184 25.24 6.79 11.74
N SER B 185 26.32 7.52 11.49
CA SER B 185 26.30 8.96 11.35
C SER B 185 25.52 9.53 10.15
N ASP B 186 25.61 8.92 8.98
CA ASP B 186 25.21 9.55 7.73
C ASP B 186 24.05 8.77 7.11
N PHE B 187 22.83 9.27 7.28
CA PHE B 187 21.64 8.63 6.74
C PHE B 187 21.46 8.81 5.24
N SER B 188 22.41 9.46 4.56
CA SER B 188 22.36 9.62 3.10
C SER B 188 23.21 8.57 2.37
N ARG B 189 23.93 7.73 3.10
CA ARG B 189 24.91 6.76 2.54
C ARG B 189 24.53 5.33 2.91
N TYR B 190 23.92 4.63 1.96
CA TYR B 190 23.44 3.27 2.20
C TYR B 190 23.37 2.46 0.90
N PHE B 191 23.31 1.15 1.08
CA PHE B 191 23.02 0.21 0.01
C PHE B 191 21.61 -0.28 0.18
N GLN B 192 20.97 -0.66 -0.91
CA GLN B 192 19.59 -1.10 -0.85
C GLN B 192 19.28 -2.17 -1.88
N TYR B 193 18.55 -3.20 -1.44
CA TYR B 193 18.07 -4.24 -2.35
C TYR B 193 16.84 -4.89 -1.72
N GLU B 194 16.22 -5.77 -2.48
CA GLU B 194 15.06 -6.50 -2.04
C GLU B 194 15.39 -8.00 -1.86
N GLY B 195 15.07 -8.53 -0.68
CA GLY B 195 15.37 -9.91 -0.30
C GLY B 195 14.35 -10.50 0.64
N SER B 196 14.86 -11.16 1.69
CA SER B 196 14.02 -11.93 2.57
C SER B 196 14.35 -11.72 4.06
N LEU B 197 13.50 -12.25 4.91
CA LEU B 197 13.86 -12.48 6.30
C LEU B 197 15.04 -13.45 6.29
N THR B 198 16.01 -13.22 7.18
CA THR B 198 17.20 -14.06 7.26
C THR B 198 16.99 -15.29 8.18
N THR B 199 15.77 -15.45 8.70
CA THR B 199 15.40 -16.67 9.41
C THR B 199 14.09 -17.19 8.82
N PRO B 200 13.76 -18.46 9.07
CA PRO B 200 12.40 -18.94 8.78
C PRO B 200 11.38 -17.97 9.38
N PRO B 201 10.28 -17.66 8.70
CA PRO B 201 9.86 -18.29 7.46
C PRO B 201 10.46 -17.76 6.13
N CYS B 202 11.53 -16.98 6.19
CA CYS B 202 12.30 -16.60 4.99
C CYS B 202 11.41 -15.91 3.90
N ALA B 203 10.41 -15.15 4.34
CA ALA B 203 9.49 -14.50 3.41
C ALA B 203 10.24 -13.45 2.59
N GLN B 204 9.93 -13.41 1.30
CA GLN B 204 10.51 -12.46 0.34
C GLN B 204 9.72 -11.13 0.30
N GLY B 205 10.25 -10.15 -0.44
CA GLY B 205 9.67 -8.82 -0.51
C GLY B 205 10.17 -7.84 0.55
N VAL B 206 11.20 -8.22 1.32
CA VAL B 206 11.77 -7.36 2.35
C VAL B 206 12.78 -6.41 1.71
N ILE B 207 12.56 -5.12 1.91
CA ILE B 207 13.52 -4.10 1.49
C ILE B 207 14.58 -3.96 2.56
N TRP B 208 15.81 -4.31 2.17
CA TRP B 208 17.00 -4.23 3.00
C TRP B 208 17.76 -2.94 2.67
N THR B 209 18.02 -2.15 3.71
CA THR B 209 18.80 -0.94 3.64
C THR B 209 19.96 -1.11 4.60
N VAL B 210 21.17 -1.16 4.04
CA VAL B 210 22.37 -1.43 4.77
C VAL B 210 23.22 -0.16 4.70
N PHE B 211 23.45 0.45 5.87
CA PHE B 211 24.27 1.64 5.96
C PHE B 211 25.68 1.36 5.48
N ASN B 212 26.23 2.31 4.75
CA ASN B 212 27.64 2.31 4.32
C ASN B 212 28.57 2.30 5.54
N GLN B 213 28.32 3.21 6.49
CA GLN B 213 29.18 3.33 7.66
C GLN B 213 28.83 2.37 8.77
N THR B 214 29.87 1.94 9.49
CA THR B 214 29.72 1.07 10.62
C THR B 214 29.55 1.89 11.91
N VAL B 215 29.10 1.23 12.96
CA VAL B 215 29.20 1.78 14.29
C VAL B 215 30.24 0.97 15.05
N MET B 216 30.93 1.65 15.96
CA MET B 216 32.02 1.08 16.76
C MET B 216 31.54 0.67 18.14
N LEU B 217 31.90 -0.53 18.56
CA LEU B 217 31.78 -0.98 19.94
C LEU B 217 33.18 -1.46 20.38
N SER B 218 33.44 -1.50 21.69
CA SER B 218 34.71 -2.02 22.24
C SER B 218 34.78 -3.56 22.15
N ALA B 219 35.99 -4.10 22.17
CA ALA B 219 36.20 -5.55 22.25
C ALA B 219 35.41 -6.18 23.40
N LYS B 220 35.44 -5.53 24.57
CA LYS B 220 34.70 -6.01 25.74
C LYS B 220 33.21 -6.13 25.45
N GLN B 221 32.66 -5.08 24.85
CA GLN B 221 31.25 -5.06 24.46
C GLN B 221 30.85 -6.19 23.48
N LEU B 222 31.67 -6.39 22.46
CA LEU B 222 31.46 -7.46 21.49
C LEU B 222 31.59 -8.82 22.17
N HIS B 223 32.57 -8.96 23.08
CA HIS B 223 32.65 -10.18 23.90
C HIS B 223 31.39 -10.37 24.73
N THR B 224 30.92 -9.32 25.40
CA THR B 224 29.69 -9.39 26.19
C THR B 224 28.49 -9.88 25.35
N LEU B 225 28.33 -9.29 24.16
CA LEU B 225 27.25 -9.68 23.26
C LEU B 225 27.29 -11.16 22.90
N SER B 226 28.49 -11.67 22.61
CA SER B 226 28.63 -13.04 22.13
C SER B 226 28.79 -14.10 23.22
N ASP B 227 29.00 -13.67 24.46
CA ASP B 227 29.37 -14.58 25.55
C ASP B 227 28.34 -14.70 26.66
N THR B 228 27.30 -13.87 26.65
CA THR B 228 26.36 -13.82 27.76
C THR B 228 25.10 -14.69 27.60
N LEU B 229 24.57 -14.80 26.38
CA LEU B 229 23.26 -15.43 26.17
C LEU B 229 23.32 -16.92 25.85
N TRP B 230 22.31 -17.65 26.31
CA TRP B 230 22.18 -19.09 26.05
C TRP B 230 20.95 -19.33 25.19
N GLY B 231 21.06 -20.30 24.27
CA GLY B 231 20.06 -20.56 23.27
C GLY B 231 19.40 -21.90 23.49
N PRO B 232 18.83 -22.51 22.44
CA PRO B 232 18.21 -23.85 22.54
C PRO B 232 19.17 -24.94 23.04
N GLY B 233 18.65 -25.87 23.82
CA GLY B 233 19.48 -26.91 24.46
C GLY B 233 20.27 -26.26 25.57
N ASP B 234 21.49 -26.76 25.81
CA ASP B 234 22.43 -26.15 26.76
C ASP B 234 23.56 -25.53 25.97
N SER B 235 23.21 -24.83 24.89
CA SER B 235 24.18 -24.28 23.94
C SER B 235 24.24 -22.75 24.07
N ARG B 236 25.41 -22.17 23.81
CA ARG B 236 25.55 -20.73 23.82
C ARG B 236 24.78 -20.12 22.63
N LEU B 237 24.15 -18.97 22.85
CA LEU B 237 23.49 -18.23 21.77
C LEU B 237 24.60 -17.46 21.05
N GLN B 238 25.08 -18.05 19.95
CA GLN B 238 26.29 -17.59 19.26
C GLN B 238 26.22 -17.95 17.78
N LEU B 239 26.98 -17.23 16.95
CA LEU B 239 26.99 -17.50 15.50
C LEU B 239 25.56 -17.55 14.96
N ASN B 240 24.73 -16.61 15.39
CA ASN B 240 23.32 -16.59 14.99
C ASN B 240 23.15 -15.78 13.70
N PHE B 241 23.82 -16.23 12.64
CA PHE B 241 23.72 -15.57 11.34
C PHE B 241 23.51 -16.63 10.29
N ARG B 242 22.85 -16.24 9.21
CA ARG B 242 22.59 -17.15 8.11
C ARG B 242 23.74 -17.08 7.13
N ALA B 243 24.01 -18.19 6.45
CA ALA B 243 24.90 -18.21 5.30
C ALA B 243 24.48 -17.24 4.16
N THR B 244 25.48 -16.77 3.43
CA THR B 244 25.32 -15.78 2.37
C THR B 244 24.51 -16.39 1.24
N GLN B 245 23.65 -15.60 0.63
CA GLN B 245 22.74 -16.07 -0.40
C GLN B 245 23.12 -15.40 -1.74
N PRO B 246 22.89 -16.09 -2.87
CA PRO B 246 23.25 -15.46 -4.16
C PRO B 246 22.26 -14.36 -4.57
N LEU B 247 22.74 -13.40 -5.33
CA LEU B 247 21.92 -12.32 -5.78
C LEU B 247 20.91 -12.73 -6.82
N ASN B 248 21.20 -13.79 -7.58
CA ASN B 248 20.29 -14.24 -8.64
C ASN B 248 19.76 -13.11 -9.54
N GLY B 249 20.68 -12.23 -9.93
CA GLY B 249 20.40 -11.18 -10.88
C GLY B 249 20.02 -9.85 -10.26
N ARG B 250 19.77 -9.85 -8.94
CA ARG B 250 19.45 -8.62 -8.27
C ARG B 250 20.68 -7.71 -8.31
N VAL B 251 20.46 -6.41 -8.53
CA VAL B 251 21.55 -5.44 -8.49
C VAL B 251 21.38 -4.60 -7.22
N ILE B 252 22.40 -4.57 -6.40
CA ILE B 252 22.38 -3.76 -5.18
C ILE B 252 22.57 -2.32 -5.61
N GLU B 253 21.71 -1.45 -5.07
CA GLU B 253 21.80 -0.05 -5.33
C GLU B 253 22.53 0.65 -4.21
N ALA B 254 23.14 1.78 -4.56
CA ALA B 254 23.84 2.64 -3.61
C ALA B 254 23.29 4.05 -3.76
N SER B 255 23.27 4.77 -2.64
CA SER B 255 22.75 6.12 -2.58
C SER B 255 23.84 7.19 -2.82
N PHE B 256 25.05 6.77 -3.12
CA PHE B 256 26.16 7.68 -3.25
C PHE B 256 27.04 7.13 -4.39
N PRO B 257 27.78 8.02 -5.07
CA PRO B 257 28.64 7.57 -6.18
C PRO B 257 29.95 6.98 -5.68
N TRP C 7 -11.10 40.17 20.85
CA TRP C 7 -10.32 40.82 19.75
C TRP C 7 -10.95 40.51 18.40
N ARG C 8 -10.67 41.39 17.44
CA ARG C 8 -11.21 41.28 16.10
C ARG C 8 -10.19 41.77 15.08
N TYR C 9 -10.42 41.41 13.82
CA TYR C 9 -9.67 41.96 12.69
C TYR C 9 -10.35 43.24 12.24
N GLY C 10 -9.55 44.22 11.85
CA GLY C 10 -10.07 45.43 11.20
C GLY C 10 -10.81 46.37 12.14
N GLY C 11 -10.09 46.92 13.11
CA GLY C 11 -10.63 47.91 14.05
C GLY C 11 -10.51 47.49 15.50
N ASP C 12 -10.95 48.39 16.38
CA ASP C 12 -10.79 48.27 17.84
C ASP C 12 -11.42 47.00 18.46
N PRO C 13 -10.94 46.56 19.64
CA PRO C 13 -9.81 47.20 20.38
C PRO C 13 -8.44 46.99 19.71
N PRO C 14 -7.52 47.97 19.79
CA PRO C 14 -6.18 47.70 19.22
C PRO C 14 -5.49 46.60 20.04
N TRP C 15 -4.87 45.66 19.35
CA TRP C 15 -4.43 44.40 19.98
C TRP C 15 -3.51 44.54 21.20
N PRO C 16 -2.54 45.48 21.17
CA PRO C 16 -1.73 45.65 22.37
C PRO C 16 -2.50 45.98 23.68
N ARG C 17 -3.66 46.64 23.57
CA ARG C 17 -4.58 46.82 24.71
C ARG C 17 -5.23 45.49 25.17
N VAL C 18 -5.70 44.68 24.24
CA VAL C 18 -6.24 43.33 24.54
C VAL C 18 -5.13 42.40 25.08
N SER C 19 -3.95 42.51 24.49
CA SER C 19 -2.94 41.53 24.70
C SER C 19 -1.58 42.22 24.55
N PRO C 20 -1.01 42.71 25.67
CA PRO C 20 0.30 43.38 25.69
C PRO C 20 1.42 42.67 24.94
N ALA C 21 1.38 41.34 24.91
CA ALA C 21 2.32 40.52 24.13
C ALA C 21 2.34 40.91 22.66
N CYS C 22 1.21 41.34 22.12
CA CYS C 22 1.15 41.81 20.72
C CYS C 22 2.06 43.02 20.42
N ALA C 23 2.55 43.71 21.46
CA ALA C 23 3.52 44.79 21.29
C ALA C 23 4.95 44.35 21.50
N GLY C 24 5.22 43.06 21.48
CA GLY C 24 6.59 42.56 21.61
C GLY C 24 7.46 43.00 20.44
N ARG C 25 8.77 42.83 20.59
CA ARG C 25 9.74 43.28 19.57
C ARG C 25 9.85 42.36 18.36
N PHE C 26 9.41 41.11 18.49
CA PHE C 26 9.75 40.08 17.51
C PHE C 26 8.48 39.36 17.07
N GLN C 27 7.62 40.11 16.38
CA GLN C 27 6.30 39.65 16.05
C GLN C 27 6.24 39.16 14.60
N SER C 28 5.16 38.45 14.29
CA SER C 28 4.85 37.98 12.94
C SER C 28 3.46 38.50 12.56
N PRO C 29 3.14 38.62 11.26
CA PRO C 29 3.98 38.25 10.11
C PRO C 29 4.94 39.36 9.75
N VAL C 30 5.80 39.11 8.75
CA VAL C 30 6.82 40.06 8.31
C VAL C 30 6.87 40.10 6.81
N ASP C 31 7.47 41.15 6.30
CA ASP C 31 7.71 41.27 4.87
C ASP C 31 9.03 40.62 4.54
N ILE C 32 8.98 39.58 3.71
CA ILE C 32 10.17 38.85 3.30
C ILE C 32 10.79 39.56 2.11
N ARG C 33 12.07 39.90 2.22
CA ARG C 33 12.79 40.49 1.10
C ARG C 33 13.93 39.53 0.75
N PRO C 34 13.70 38.65 -0.26
CA PRO C 34 14.63 37.59 -0.62
C PRO C 34 16.07 38.01 -0.81
N GLN C 35 16.31 39.21 -1.32
CA GLN C 35 17.68 39.70 -1.53
C GLN C 35 18.42 40.02 -0.25
N LEU C 36 17.70 40.33 0.83
CA LEU C 36 18.31 40.54 2.14
C LEU C 36 18.26 39.31 3.07
N ALA C 37 17.75 38.19 2.58
CA ALA C 37 17.71 36.95 3.32
C ALA C 37 19.11 36.38 3.34
N ALA C 38 19.50 35.74 4.44
CA ALA C 38 20.81 35.11 4.52
C ALA C 38 20.71 33.65 4.10
N PHE C 39 21.50 33.24 3.10
CA PHE C 39 21.55 31.84 2.68
C PHE C 39 22.25 31.10 3.80
N SER C 40 21.56 30.11 4.38
CA SER C 40 22.08 29.34 5.48
C SER C 40 22.12 27.90 5.01
N PRO C 41 23.30 27.42 4.57
CA PRO C 41 23.44 26.07 4.00
C PRO C 41 23.11 24.93 4.95
N ALA C 42 23.14 25.17 6.26
CA ALA C 42 22.76 24.15 7.24
C ALA C 42 21.27 23.82 7.21
N LEU C 43 20.42 24.65 6.60
CA LEU C 43 19.00 24.37 6.58
C LEU C 43 18.68 23.19 5.68
N ARG C 44 18.17 22.10 6.26
CA ARG C 44 17.93 20.84 5.53
C ARG C 44 16.53 20.82 4.94
N PRO C 45 16.26 19.91 3.99
CA PRO C 45 14.86 19.75 3.58
C PRO C 45 13.95 19.31 4.74
N LEU C 46 12.74 19.86 4.77
CA LEU C 46 11.74 19.54 5.79
C LEU C 46 11.36 18.07 5.69
N GLU C 47 11.16 17.41 6.83
CA GLU C 47 10.67 16.04 6.87
C GLU C 47 9.29 15.98 7.50
N LEU C 48 8.32 15.40 6.78
CA LEU C 48 6.94 15.30 7.22
C LEU C 48 6.48 13.85 7.02
N LEU C 49 6.30 13.11 8.12
CA LEU C 49 5.81 11.74 8.12
C LEU C 49 4.46 11.63 8.83
N GLY C 50 3.62 10.75 8.31
CA GLY C 50 2.30 10.50 8.86
C GLY C 50 1.20 11.41 8.34
N PHE C 51 1.50 12.28 7.38
CA PHE C 51 0.54 13.28 6.90
C PHE C 51 -0.50 12.70 5.90
N GLN C 52 -0.28 11.49 5.40
CA GLN C 52 -1.20 10.87 4.45
C GLN C 52 -2.32 10.14 5.22
N LEU C 53 -3.32 10.87 5.67
CA LEU C 53 -4.32 10.31 6.56
C LEU C 53 -5.31 9.49 5.73
N PRO C 54 -5.78 8.36 6.27
CA PRO C 54 -6.82 7.56 5.62
C PRO C 54 -8.20 8.22 5.71
N PRO C 55 -9.21 7.75 4.95
CA PRO C 55 -10.55 8.38 5.00
C PRO C 55 -11.24 8.41 6.38
N LEU C 56 -11.00 7.39 7.20
CA LEU C 56 -11.46 7.37 8.59
C LEU C 56 -10.30 7.16 9.54
N PRO C 57 -10.27 7.80 10.72
CA PRO C 57 -11.37 8.60 11.25
C PRO C 57 -11.53 9.95 10.58
N GLU C 58 -12.69 10.55 10.77
CA GLU C 58 -12.98 11.88 10.25
C GLU C 58 -12.32 12.94 11.15
N LEU C 59 -12.19 14.15 10.62
CA LEU C 59 -11.51 15.26 11.28
C LEU C 59 -12.49 16.41 11.50
N ARG C 60 -12.33 17.11 12.61
CA ARG C 60 -13.12 18.30 12.90
C ARG C 60 -12.66 19.48 12.05
N LEU C 61 -13.62 20.16 11.43
CA LEU C 61 -13.42 21.40 10.72
C LEU C 61 -14.37 22.44 11.31
N ARG C 62 -13.82 23.53 11.85
CA ARG C 62 -14.57 24.50 12.65
C ARG C 62 -14.43 25.86 12.05
N ASN C 63 -15.55 26.58 11.95
CA ASN C 63 -15.51 28.01 11.76
C ASN C 63 -15.44 28.60 13.17
N ASN C 64 -14.31 29.22 13.52
CA ASN C 64 -14.15 29.78 14.87
C ASN C 64 -14.32 31.30 14.90
N GLY C 65 -14.76 31.90 13.79
CA GLY C 65 -14.94 33.34 13.70
C GLY C 65 -13.73 34.12 13.28
N HIS C 66 -12.54 33.55 13.43
CA HIS C 66 -11.30 34.17 12.97
C HIS C 66 -10.63 33.41 11.80
N SER C 67 -10.93 32.12 11.65
CA SER C 67 -10.51 31.34 10.48
C SER C 67 -11.36 30.09 10.35
N VAL C 68 -11.07 29.28 9.34
CA VAL C 68 -11.53 27.91 9.31
C VAL C 68 -10.33 27.08 9.73
N GLN C 69 -10.56 26.18 10.67
CA GLN C 69 -9.51 25.42 11.30
C GLN C 69 -9.83 23.94 11.25
N LEU C 70 -8.86 23.13 10.80
CA LEU C 70 -8.96 21.68 10.76
C LEU C 70 -8.15 21.09 11.88
N THR C 71 -8.75 20.26 12.72
CA THR C 71 -8.02 19.61 13.79
C THR C 71 -7.28 18.39 13.24
N LEU C 72 -6.00 18.26 13.59
CA LEU C 72 -5.20 17.13 13.10
C LEU C 72 -5.04 16.09 14.19
N PRO C 73 -5.08 14.80 13.83
CA PRO C 73 -4.91 13.73 14.81
C PRO C 73 -3.45 13.55 15.21
N PRO C 74 -3.21 12.72 16.26
CA PRO C 74 -1.83 12.39 16.60
C PRO C 74 -1.12 11.65 15.47
N GLY C 75 0.21 11.69 15.45
CA GLY C 75 1.00 10.94 14.50
C GLY C 75 1.53 11.67 13.28
N LEU C 76 1.31 13.00 13.19
CA LEU C 76 1.84 13.77 12.08
C LEU C 76 3.14 14.38 12.56
N GLU C 77 4.25 13.78 12.15
CA GLU C 77 5.55 14.11 12.70
C GLU C 77 6.34 14.93 11.68
N MET C 78 7.05 15.94 12.18
CA MET C 78 7.75 16.89 11.35
C MET C 78 9.11 17.18 11.99
N ALA C 79 10.14 17.33 11.16
CA ALA C 79 11.46 17.70 11.63
C ALA C 79 11.95 18.90 10.88
N LEU C 80 12.40 19.92 11.62
CA LEU C 80 13.09 21.08 11.06
C LEU C 80 14.61 20.87 10.85
N GLY C 81 15.18 19.87 11.51
CA GLY C 81 16.60 19.60 11.50
C GLY C 81 16.85 18.34 12.32
N PRO C 82 18.11 17.87 12.40
CA PRO C 82 18.39 16.59 13.09
C PRO C 82 17.97 16.63 14.57
N GLY C 83 17.03 15.77 14.95
CA GLY C 83 16.53 15.74 16.33
C GLY C 83 15.58 16.85 16.74
N ARG C 84 15.27 17.78 15.84
CA ARG C 84 14.43 18.92 16.11
C ARG C 84 13.06 18.62 15.56
N GLU C 85 12.30 17.90 16.38
CA GLU C 85 11.06 17.30 15.95
C GLU C 85 9.83 17.92 16.59
N TYR C 86 8.74 17.77 15.83
CA TYR C 86 7.47 18.45 16.03
C TYR C 86 6.30 17.52 15.68
N ARG C 87 5.12 17.76 16.25
CA ARG C 87 3.92 17.03 15.85
C ARG C 87 2.85 18.06 15.45
N ALA C 88 2.15 17.80 14.34
CA ALA C 88 1.19 18.78 13.81
C ALA C 88 -0.09 18.79 14.69
N LEU C 89 -0.62 19.98 14.98
CA LEU C 89 -1.84 20.11 15.80
C LEU C 89 -3.09 20.44 15.00
N GLN C 90 -2.94 21.39 14.08
CA GLN C 90 -4.06 21.92 13.32
C GLN C 90 -3.54 22.70 12.16
N LEU C 91 -4.42 22.95 11.19
CA LEU C 91 -4.15 23.92 10.17
C LEU C 91 -5.34 24.86 9.98
N HIS C 92 -5.04 26.04 9.47
CA HIS C 92 -6.06 27.03 9.21
C HIS C 92 -5.55 27.98 8.16
N LEU C 93 -6.41 28.93 7.77
CA LEU C 93 -6.13 29.80 6.64
C LEU C 93 -6.37 31.27 6.97
N HIS C 94 -5.71 32.13 6.20
CA HIS C 94 -5.91 33.56 6.15
C HIS C 94 -6.17 33.98 4.72
N TRP C 95 -7.08 34.91 4.53
CA TRP C 95 -7.53 35.33 3.21
C TRP C 95 -8.06 36.78 3.20
N GLY C 96 -8.38 37.26 2.01
CA GLY C 96 -8.80 38.64 1.82
C GLY C 96 -10.29 38.75 1.52
N ALA C 97 -10.62 39.46 0.44
CA ALA C 97 -12.01 39.57 -0.02
C ALA C 97 -11.98 39.95 -1.49
N ALA C 98 -13.15 39.96 -2.13
CA ALA C 98 -13.25 40.20 -3.57
C ALA C 98 -12.27 41.28 -4.06
N GLY C 99 -11.34 40.89 -4.93
CA GLY C 99 -10.35 41.80 -5.49
C GLY C 99 -9.29 42.33 -4.52
N ARG C 100 -9.09 41.65 -3.39
CA ARG C 100 -8.15 42.12 -2.36
C ARG C 100 -7.41 40.94 -1.73
N PRO C 101 -6.06 40.90 -1.85
CA PRO C 101 -5.33 39.77 -1.28
C PRO C 101 -5.35 39.75 0.26
N GLY C 102 -5.11 38.58 0.86
CA GLY C 102 -5.16 38.42 2.30
C GLY C 102 -4.10 37.55 2.94
N SER C 103 -2.97 37.32 2.30
CA SER C 103 -1.89 36.59 2.97
C SER C 103 -1.37 37.44 4.12
N GLU C 104 -0.77 36.76 5.09
CA GLU C 104 -0.19 37.43 6.26
C GLU C 104 1.20 37.88 5.94
N HIS C 105 2.06 36.95 5.55
CA HIS C 105 3.40 37.29 5.07
C HIS C 105 3.30 37.95 3.71
N THR C 106 4.27 38.80 3.41
CA THR C 106 4.38 39.45 2.12
C THR C 106 5.80 39.25 1.61
N VAL C 107 5.96 39.41 0.31
CA VAL C 107 7.28 39.26 -0.34
C VAL C 107 7.54 40.53 -1.13
N GLU C 108 8.59 41.26 -0.72
CA GLU C 108 8.88 42.59 -1.27
C GLU C 108 7.62 43.47 -1.33
N GLY C 109 6.77 43.41 -0.29
CA GLY C 109 5.54 44.18 -0.26
C GLY C 109 4.36 43.57 -0.99
N HIS C 110 4.57 42.51 -1.79
CA HIS C 110 3.48 41.81 -2.45
C HIS C 110 2.72 40.94 -1.44
N ARG C 111 1.41 41.15 -1.37
CA ARG C 111 0.52 40.29 -0.59
C ARG C 111 -0.16 39.33 -1.57
N PHE C 112 -0.21 38.07 -1.18
CA PHE C 112 -0.75 37.00 -2.00
C PHE C 112 -2.21 36.79 -1.65
N PRO C 113 -2.97 36.15 -2.54
CA PRO C 113 -4.39 35.98 -2.27
C PRO C 113 -4.70 35.40 -0.89
N ALA C 114 -4.01 34.34 -0.47
CA ALA C 114 -4.28 33.69 0.80
C ALA C 114 -3.06 32.95 1.33
N GLU C 115 -3.19 32.39 2.54
CA GLU C 115 -2.05 31.78 3.22
C GLU C 115 -2.55 30.63 4.07
N ILE C 116 -1.83 29.51 4.05
CA ILE C 116 -2.15 28.35 4.88
C ILE C 116 -1.07 28.18 5.94
N HIS C 117 -1.52 27.88 7.16
CA HIS C 117 -0.64 27.70 8.30
C HIS C 117 -0.90 26.33 8.90
N VAL C 118 0.16 25.53 9.04
CA VAL C 118 0.09 24.26 9.75
C VAL C 118 0.88 24.40 11.03
N VAL C 119 0.18 24.35 12.17
CA VAL C 119 0.79 24.65 13.47
C VAL C 119 1.29 23.36 14.13
N HIS C 120 2.53 23.37 14.59
CA HIS C 120 3.15 22.21 15.24
C HIS C 120 3.66 22.52 16.64
N LEU C 121 3.72 21.47 17.46
CA LEU C 121 4.26 21.51 18.81
C LEU C 121 5.56 20.71 18.88
N SER C 122 6.60 21.32 19.41
CA SER C 122 7.87 20.62 19.66
C SER C 122 7.63 19.44 20.55
N THR C 123 8.15 18.29 20.18
CA THR C 123 7.94 17.07 20.95
C THR C 123 8.76 17.09 22.23
N ALA C 124 9.60 18.10 22.45
CA ALA C 124 10.18 18.33 23.78
C ALA C 124 9.18 18.86 24.82
N PHE C 125 7.96 19.23 24.41
CA PHE C 125 6.94 19.68 25.34
C PHE C 125 5.70 18.80 25.22
N ALA C 126 5.10 18.45 26.35
CA ALA C 126 3.89 17.61 26.37
C ALA C 126 2.66 18.32 25.86
N ARG C 127 2.56 19.62 26.12
CA ARG C 127 1.34 20.37 25.86
C ARG C 127 1.64 21.68 25.18
N VAL C 128 0.72 22.15 24.37
CA VAL C 128 0.88 23.43 23.69
C VAL C 128 1.15 24.55 24.69
N ASP C 129 0.44 24.55 25.81
CA ASP C 129 0.56 25.68 26.74
C ASP C 129 1.95 25.79 27.41
N GLU C 130 2.64 24.67 27.59
CA GLU C 130 4.05 24.67 27.98
C GLU C 130 4.97 25.29 26.94
N ALA C 131 4.61 25.16 25.67
CA ALA C 131 5.46 25.63 24.58
C ALA C 131 5.33 27.11 24.28
N LEU C 132 4.15 27.70 24.56
CA LEU C 132 3.91 29.14 24.30
C LEU C 132 4.98 29.99 24.93
N GLY C 133 5.62 30.85 24.16
CA GLY C 133 6.70 31.72 24.68
C GLY C 133 8.07 31.11 24.81
N ARG C 134 8.20 29.80 24.61
CA ARG C 134 9.49 29.14 24.73
C ARG C 134 10.07 29.09 23.33
N PRO C 135 11.39 29.30 23.19
CA PRO C 135 12.01 29.33 21.86
C PRO C 135 11.91 27.97 21.13
N GLY C 136 11.37 28.00 19.92
CA GLY C 136 11.15 26.78 19.17
C GLY C 136 10.08 25.89 19.72
N GLY C 137 9.28 26.39 20.66
CA GLY C 137 8.22 25.60 21.28
C GLY C 137 7.16 25.26 20.26
N LEU C 138 6.79 26.26 19.48
CA LEU C 138 5.88 26.10 18.37
C LEU C 138 6.58 26.38 17.07
N ALA C 139 6.13 25.68 16.03
CA ALA C 139 6.62 25.88 14.68
C ALA C 139 5.45 25.84 13.72
N VAL C 140 5.36 26.85 12.86
CA VAL C 140 4.34 26.93 11.83
C VAL C 140 4.98 26.79 10.45
N LEU C 141 4.38 25.94 9.60
CA LEU C 141 4.72 25.88 8.18
C LEU C 141 3.70 26.71 7.48
N ALA C 142 4.18 27.64 6.67
CA ALA C 142 3.31 28.57 5.97
C ALA C 142 3.54 28.47 4.48
N ALA C 143 2.47 28.49 3.70
CA ALA C 143 2.57 28.61 2.25
C ALA C 143 1.56 29.61 1.70
N PHE C 144 1.96 30.29 0.64
CA PHE C 144 1.09 31.24 -0.05
C PHE C 144 0.18 30.49 -1.01
N LEU C 145 -1.08 30.90 -1.08
CA LEU C 145 -2.04 30.38 -2.03
C LEU C 145 -2.23 31.48 -3.11
N GLU C 146 -2.11 31.08 -4.36
CA GLU C 146 -2.14 31.97 -5.52
C GLU C 146 -3.19 31.48 -6.50
N GLU C 147 -3.60 32.38 -7.38
CA GLU C 147 -4.57 32.04 -8.41
C GLU C 147 -3.82 31.40 -9.58
N GLY C 148 -4.24 30.20 -9.96
CA GLY C 148 -3.83 29.58 -11.21
C GLY C 148 -5.03 29.12 -12.01
N PRO C 149 -4.79 28.47 -13.16
CA PRO C 149 -5.87 28.15 -14.09
C PRO C 149 -6.73 26.96 -13.71
N GLU C 150 -6.25 26.06 -12.84
CA GLU C 150 -6.97 24.83 -12.54
C GLU C 150 -7.48 24.76 -11.11
N GLU C 151 -8.54 23.98 -10.92
CA GLU C 151 -9.05 23.66 -9.61
C GLU C 151 -8.06 22.75 -8.88
N ASN C 152 -7.77 23.07 -7.63
CA ASN C 152 -6.88 22.29 -6.78
C ASN C 152 -7.71 21.29 -6.03
N SER C 153 -7.55 20.02 -6.34
CA SER C 153 -8.46 19.03 -5.78
C SER C 153 -8.20 18.76 -4.28
N ALA C 154 -6.97 18.97 -3.81
CA ALA C 154 -6.69 18.82 -2.37
C ALA C 154 -7.43 19.88 -1.54
N TYR C 155 -7.36 21.11 -2.01
CA TYR C 155 -8.02 22.22 -1.35
C TYR C 155 -9.54 22.17 -1.46
N GLU C 156 -10.05 21.56 -2.53
CA GLU C 156 -11.49 21.46 -2.73
C GLU C 156 -12.17 20.62 -1.65
N GLN C 157 -11.47 19.64 -1.12
CA GLN C 157 -11.99 18.83 -0.01
C GLN C 157 -12.39 19.69 1.21
N LEU C 158 -11.65 20.78 1.44
CA LEU C 158 -11.94 21.72 2.51
C LEU C 158 -12.94 22.76 2.06
N LEU C 159 -12.67 23.37 0.92
CA LEU C 159 -13.47 24.47 0.40
C LEU C 159 -14.93 24.10 0.11
N SER C 160 -15.16 22.85 -0.27
CA SER C 160 -16.50 22.37 -0.54
C SER C 160 -17.32 22.12 0.75
N ARG C 161 -16.70 22.26 1.93
CA ARG C 161 -17.38 22.05 3.20
C ARG C 161 -17.64 23.34 3.94
N LEU C 162 -17.21 24.47 3.39
CA LEU C 162 -17.35 25.74 4.06
C LEU C 162 -18.81 26.16 4.23
N GLU C 163 -19.64 25.87 3.23
CA GLU C 163 -21.09 26.08 3.28
C GLU C 163 -21.70 25.48 4.56
N GLU C 164 -21.28 24.28 4.92
CA GLU C 164 -21.76 23.58 6.10
C GLU C 164 -21.38 24.24 7.42
N ILE C 165 -20.42 25.17 7.41
CA ILE C 165 -20.00 25.88 8.62
C ILE C 165 -19.95 27.38 8.42
N ALA C 166 -20.87 27.92 7.60
CA ALA C 166 -20.86 29.36 7.29
C ALA C 166 -21.05 30.23 8.54
N GLU C 167 -21.82 29.74 9.50
CA GLU C 167 -22.05 30.47 10.77
C GLU C 167 -20.89 30.41 11.76
N GLU C 168 -20.53 31.55 12.33
CA GLU C 168 -19.54 31.61 13.40
C GLU C 168 -19.78 30.52 14.43
N GLY C 169 -18.73 29.77 14.79
CA GLY C 169 -18.83 28.73 15.80
C GLY C 169 -19.43 27.41 15.37
N SER C 170 -19.85 27.26 14.11
CA SER C 170 -20.36 25.96 13.67
C SER C 170 -19.19 25.07 13.25
N GLU C 171 -19.47 23.77 13.21
CA GLU C 171 -18.46 22.79 12.85
C GLU C 171 -19.05 21.61 12.14
N THR C 172 -18.17 20.84 11.51
CA THR C 172 -18.55 19.65 10.76
C THR C 172 -17.38 18.64 10.78
N GLN C 173 -17.69 17.41 10.45
CA GLN C 173 -16.70 16.33 10.41
C GLN C 173 -16.40 16.06 8.95
N VAL C 174 -15.12 16.01 8.58
CA VAL C 174 -14.72 15.77 7.19
C VAL C 174 -13.91 14.48 7.06
N PRO C 175 -14.02 13.79 5.89
CA PRO C 175 -13.14 12.65 5.67
C PRO C 175 -11.68 13.02 5.81
N GLY C 176 -10.87 12.08 6.28
CA GLY C 176 -9.43 12.26 6.32
C GLY C 176 -8.93 12.56 4.93
N LEU C 177 -7.86 13.33 4.86
CA LEU C 177 -7.25 13.65 3.60
C LEU C 177 -5.74 13.65 3.75
N ASP C 178 -5.06 13.71 2.61
CA ASP C 178 -3.63 13.82 2.61
C ASP C 178 -3.29 15.26 2.91
N ILE C 179 -2.86 15.50 4.13
CA ILE C 179 -2.53 16.84 4.59
C ILE C 179 -1.32 17.38 3.85
N SER C 180 -0.34 16.53 3.51
CA SER C 180 0.86 16.99 2.81
C SER C 180 0.57 17.47 1.36
N ALA C 181 -0.54 17.03 0.78
CA ALA C 181 -0.94 17.47 -0.55
C ALA C 181 -1.37 18.92 -0.61
N LEU C 182 -1.62 19.52 0.56
CA LEU C 182 -1.92 20.96 0.64
C LEU C 182 -0.69 21.84 0.51
N LEU C 183 0.50 21.26 0.54
CA LEU C 183 1.74 22.03 0.61
C LEU C 183 2.48 22.07 -0.72
N PRO C 184 3.39 23.02 -0.87
CA PRO C 184 4.15 23.07 -2.14
C PRO C 184 5.02 21.86 -2.49
N SER C 185 5.47 21.86 -3.73
CA SER C 185 6.31 20.81 -4.28
C SER C 185 7.67 20.55 -3.58
N ASP C 186 8.44 21.60 -3.37
CA ASP C 186 9.82 21.47 -2.94
C ASP C 186 10.02 21.81 -1.44
N PHE C 187 10.21 20.77 -0.63
CA PHE C 187 10.46 20.89 0.81
C PHE C 187 11.88 21.34 1.17
N SER C 188 12.76 21.55 0.18
CA SER C 188 14.12 22.04 0.39
C SER C 188 14.25 23.55 0.23
N ARG C 189 13.20 24.23 -0.23
CA ARG C 189 13.26 25.68 -0.53
C ARG C 189 12.28 26.47 0.36
N TYR C 190 12.82 27.19 1.34
CA TYR C 190 11.96 27.92 2.27
C TYR C 190 12.71 29.05 2.95
N PHE C 191 11.93 29.99 3.49
CA PHE C 191 12.48 31.03 4.37
C PHE C 191 12.22 30.60 5.81
N GLN C 192 13.09 31.03 6.72
CA GLN C 192 12.90 30.71 8.14
C GLN C 192 13.29 31.88 9.04
N TYR C 193 12.46 32.13 10.06
CA TYR C 193 12.81 33.12 11.08
C TYR C 193 12.02 32.81 12.35
N GLU C 194 12.34 33.52 13.42
CA GLU C 194 11.65 33.32 14.69
C GLU C 194 10.80 34.53 14.99
N GLY C 195 9.53 34.31 15.30
CA GLY C 195 8.57 35.39 15.54
C GLY C 195 7.48 34.98 16.50
N SER C 196 6.23 35.24 16.14
CA SER C 196 5.11 35.13 17.07
C SER C 196 3.92 34.50 16.43
N LEU C 197 2.94 34.16 17.26
CA LEU C 197 1.59 33.94 16.78
C LEU C 197 1.11 35.27 16.13
N THR C 198 0.32 35.17 15.07
CA THR C 198 -0.17 36.35 14.38
C THR C 198 -1.55 36.77 14.87
N THR C 199 -2.10 36.10 15.88
CA THR C 199 -3.28 36.55 16.60
C THR C 199 -2.95 36.54 18.08
N PRO C 200 -3.79 37.19 18.92
CA PRO C 200 -3.61 37.04 20.36
C PRO C 200 -3.69 35.58 20.72
N PRO C 201 -2.87 35.11 21.66
CA PRO C 201 -2.06 35.95 22.56
C PRO C 201 -0.69 36.42 22.07
N CYS C 202 -0.39 36.32 20.77
CA CYS C 202 0.87 36.86 20.20
C CYS C 202 2.16 36.40 20.89
N ALA C 203 2.15 35.17 21.40
CA ALA C 203 3.32 34.55 22.03
C ALA C 203 4.50 34.51 21.07
N GLN C 204 5.69 34.85 21.56
CA GLN C 204 6.89 34.84 20.75
C GLN C 204 7.60 33.47 20.88
N GLY C 205 8.72 33.32 20.20
CA GLY C 205 9.45 32.04 20.14
C GLY C 205 8.96 31.05 19.05
N VAL C 206 8.04 31.50 18.21
CA VAL C 206 7.45 30.64 17.18
C VAL C 206 8.40 30.57 15.99
N ILE C 207 8.76 29.37 15.56
CA ILE C 207 9.62 29.23 14.38
C ILE C 207 8.73 29.22 13.16
N TRP C 208 8.92 30.22 12.31
CA TRP C 208 8.18 30.33 11.04
C TRP C 208 9.02 29.83 9.89
N THR C 209 8.44 28.91 9.13
CA THR C 209 9.04 28.40 7.92
C THR C 209 8.06 28.69 6.81
N VAL C 210 8.46 29.57 5.89
CA VAL C 210 7.63 30.01 4.77
C VAL C 210 8.19 29.41 3.46
N PHE C 211 7.42 28.54 2.84
CA PHE C 211 7.83 27.91 1.58
C PHE C 211 8.08 28.95 0.52
N ASN C 212 9.14 28.74 -0.25
CA ASN C 212 9.48 29.59 -1.38
C ASN C 212 8.36 29.52 -2.45
N GLN C 213 7.93 28.31 -2.78
CA GLN C 213 6.92 28.12 -3.82
C GLN C 213 5.51 28.24 -3.31
N THR C 214 4.64 28.73 -4.18
CA THR C 214 3.24 28.90 -3.87
C THR C 214 2.44 27.67 -4.27
N VAL C 215 1.23 27.60 -3.72
CA VAL C 215 0.25 26.60 -4.08
C VAL C 215 -0.82 27.31 -4.90
N MET C 216 -1.37 26.63 -5.88
CA MET C 216 -2.27 27.21 -6.86
C MET C 216 -3.70 26.81 -6.59
N LEU C 217 -4.59 27.80 -6.49
CA LEU C 217 -6.05 27.58 -6.40
C LEU C 217 -6.71 28.31 -7.55
N SER C 218 -7.90 27.89 -7.95
CA SER C 218 -8.62 28.62 -9.01
C SER C 218 -9.24 29.90 -8.45
N ALA C 219 -9.68 30.78 -9.35
CA ALA C 219 -10.39 31.99 -8.92
C ALA C 219 -11.65 31.65 -8.15
N LYS C 220 -12.42 30.68 -8.64
CA LYS C 220 -13.65 30.24 -7.96
C LYS C 220 -13.35 29.77 -6.54
N GLN C 221 -12.24 29.06 -6.39
CA GLN C 221 -11.84 28.52 -5.09
C GLN C 221 -11.48 29.64 -4.12
N LEU C 222 -10.70 30.59 -4.60
CA LEU C 222 -10.34 31.72 -3.78
C LEU C 222 -11.58 32.53 -3.37
N HIS C 223 -12.50 32.73 -4.31
CA HIS C 223 -13.78 33.39 -4.03
C HIS C 223 -14.57 32.62 -2.98
N THR C 224 -14.67 31.31 -3.15
CA THR C 224 -15.37 30.49 -2.18
C THR C 224 -14.78 30.60 -0.76
N LEU C 225 -13.45 30.71 -0.69
CA LEU C 225 -12.77 30.82 0.60
C LEU C 225 -13.13 32.17 1.27
N SER C 226 -13.09 33.27 0.52
CA SER C 226 -13.35 34.60 1.07
C SER C 226 -14.83 35.02 1.18
N ASP C 227 -15.75 34.28 0.52
CA ASP C 227 -17.16 34.67 0.39
C ASP C 227 -18.14 33.82 1.21
N THR C 228 -17.70 32.70 1.79
CA THR C 228 -18.64 31.71 2.36
C THR C 228 -18.84 31.81 3.90
N LEU C 229 -17.81 32.21 4.63
CA LEU C 229 -17.86 32.11 6.09
C LEU C 229 -18.27 33.43 6.69
N TRP C 230 -18.99 33.36 7.82
CA TRP C 230 -19.43 34.53 8.58
C TRP C 230 -18.70 34.58 9.92
N GLY C 231 -18.34 35.79 10.35
CA GLY C 231 -17.49 36.02 11.52
C GLY C 231 -18.23 36.62 12.70
N PRO C 232 -17.53 37.43 13.53
CA PRO C 232 -18.16 38.15 14.63
C PRO C 232 -19.17 39.19 14.15
N GLY C 233 -20.23 39.36 14.93
CA GLY C 233 -21.30 40.30 14.59
C GLY C 233 -22.14 39.73 13.46
N ASP C 234 -22.59 40.61 12.58
CA ASP C 234 -23.34 40.22 11.38
C ASP C 234 -22.46 40.54 10.19
N SER C 235 -21.23 40.00 10.23
CA SER C 235 -20.16 40.36 9.30
C SER C 235 -19.48 39.14 8.65
N ARG C 236 -19.13 39.28 7.37
CA ARG C 236 -18.39 38.23 6.64
C ARG C 236 -16.99 38.02 7.23
N LEU C 237 -16.57 36.78 7.32
CA LEU C 237 -15.21 36.47 7.79
C LEU C 237 -14.25 36.69 6.62
N GLN C 238 -13.64 37.88 6.60
CA GLN C 238 -12.81 38.34 5.50
C GLN C 238 -11.64 39.14 6.01
N LEU C 239 -10.61 39.28 5.19
CA LEU C 239 -9.44 40.05 5.49
C LEU C 239 -8.86 39.69 6.88
N ASN C 240 -8.87 38.39 7.19
CA ASN C 240 -8.43 37.89 8.50
C ASN C 240 -6.91 37.72 8.55
N PHE C 241 -6.20 38.80 8.31
CA PHE C 241 -4.75 38.79 8.38
C PHE C 241 -4.26 39.96 9.22
N ARG C 242 -3.10 39.78 9.85
CA ARG C 242 -2.49 40.81 10.65
C ARG C 242 -1.58 41.63 9.77
N ALA C 243 -1.45 42.91 10.10
CA ALA C 243 -0.48 43.78 9.46
C ALA C 243 0.93 43.29 9.69
N THR C 244 1.79 43.69 8.75
CA THR C 244 3.18 43.32 8.73
C THR C 244 3.93 43.98 9.89
N GLN C 245 4.91 43.27 10.45
CA GLN C 245 5.56 43.67 11.69
C GLN C 245 7.03 43.88 11.39
N PRO C 246 7.68 44.85 12.07
CA PRO C 246 9.09 45.09 11.78
C PRO C 246 10.01 43.92 12.19
N LEU C 247 11.08 43.70 11.43
CA LEU C 247 12.05 42.66 11.75
C LEU C 247 12.84 42.95 13.00
N ASN C 248 13.12 44.23 13.25
CA ASN C 248 13.85 44.67 14.44
C ASN C 248 15.19 43.97 14.62
N GLY C 249 15.93 43.88 13.54
CA GLY C 249 17.23 43.27 13.52
C GLY C 249 17.27 41.79 13.21
N ARG C 250 16.13 41.10 13.25
CA ARG C 250 16.08 39.69 12.83
C ARG C 250 16.45 39.59 11.36
N VAL C 251 17.27 38.60 11.01
CA VAL C 251 17.61 38.32 9.64
C VAL C 251 16.85 37.06 9.19
N ILE C 252 16.09 37.17 8.11
CA ILE C 252 15.39 36.03 7.55
C ILE C 252 16.43 35.12 6.89
N GLU C 253 16.37 33.82 7.16
CA GLU C 253 17.28 32.86 6.56
C GLU C 253 16.59 32.19 5.41
N ALA C 254 17.35 31.85 4.37
CA ALA C 254 16.84 31.09 3.21
C ALA C 254 17.63 29.79 3.09
N SER C 255 16.94 28.72 2.74
CA SER C 255 17.54 27.40 2.62
C SER C 255 18.18 27.18 1.24
N PHE C 256 18.16 28.19 0.39
CA PHE C 256 18.58 28.09 -1.00
C PHE C 256 19.34 29.38 -1.33
N PRO C 257 20.33 29.31 -2.24
CA PRO C 257 21.11 30.48 -2.62
C PRO C 257 20.38 31.42 -3.58
N TRP D 7 -20.77 -9.22 8.34
CA TRP D 7 -21.76 -10.31 8.64
C TRP D 7 -21.13 -11.40 9.49
N ARG D 8 -21.98 -12.20 10.14
CA ARG D 8 -21.52 -13.32 10.92
C ARG D 8 -22.53 -14.46 10.87
N TYR D 9 -22.09 -15.62 11.35
CA TYR D 9 -22.97 -16.72 11.64
C TYR D 9 -23.68 -16.46 12.99
N GLY D 10 -24.91 -16.94 13.11
CA GLY D 10 -25.67 -16.94 14.37
C GLY D 10 -26.03 -15.59 14.97
N GLY D 11 -26.09 -14.53 14.15
CA GLY D 11 -26.45 -13.21 14.65
C GLY D 11 -26.39 -12.10 13.63
N ASP D 12 -26.71 -10.89 14.10
CA ASP D 12 -26.84 -9.71 13.24
C ASP D 12 -25.53 -9.22 12.62
N PRO D 13 -25.56 -8.50 11.49
CA PRO D 13 -26.78 -8.04 10.82
C PRO D 13 -27.52 -9.13 10.00
N PRO D 14 -28.82 -8.91 9.72
CA PRO D 14 -29.52 -9.89 8.87
C PRO D 14 -28.89 -9.93 7.47
N TRP D 15 -28.64 -11.15 6.98
CA TRP D 15 -27.91 -11.33 5.71
C TRP D 15 -28.53 -10.60 4.50
N PRO D 16 -29.87 -10.61 4.36
CA PRO D 16 -30.47 -9.84 3.25
C PRO D 16 -30.19 -8.33 3.28
N ARG D 17 -30.00 -7.76 4.49
CA ARG D 17 -29.61 -6.35 4.66
C ARG D 17 -28.20 -6.12 4.16
N VAL D 18 -27.32 -7.11 4.34
CA VAL D 18 -25.96 -7.09 3.78
C VAL D 18 -25.96 -7.24 2.25
N SER D 19 -26.71 -8.22 1.75
CA SER D 19 -26.84 -8.45 0.31
C SER D 19 -28.24 -9.03 0.03
N PRO D 20 -29.09 -8.31 -0.74
CA PRO D 20 -30.45 -8.79 -1.04
C PRO D 20 -30.52 -10.19 -1.65
N ALA D 21 -29.52 -10.56 -2.46
CA ALA D 21 -29.40 -11.93 -2.98
C ALA D 21 -29.53 -13.06 -1.93
N CYS D 22 -29.17 -12.79 -0.67
CA CYS D 22 -29.28 -13.80 0.39
C CYS D 22 -30.73 -14.26 0.69
N ALA D 23 -31.73 -13.50 0.21
CA ALA D 23 -33.14 -13.88 0.27
C ALA D 23 -33.69 -14.38 -1.08
N GLY D 24 -32.81 -14.84 -1.96
CA GLY D 24 -33.24 -15.42 -3.23
C GLY D 24 -33.93 -16.78 -3.02
N ARG D 25 -34.73 -17.18 -4.01
CA ARG D 25 -35.46 -18.45 -3.98
C ARG D 25 -34.57 -19.68 -4.10
N PHE D 26 -33.40 -19.53 -4.70
CA PHE D 26 -32.56 -20.66 -5.10
C PHE D 26 -31.15 -20.61 -4.49
N GLN D 27 -31.10 -20.81 -3.17
CA GLN D 27 -29.89 -20.66 -2.39
C GLN D 27 -29.26 -22.00 -2.06
N SER D 28 -28.02 -21.93 -1.57
CA SER D 28 -27.31 -23.09 -1.05
C SER D 28 -26.90 -22.81 0.39
N PRO D 29 -26.63 -23.82 1.21
CA PRO D 29 -26.66 -25.25 0.87
C PRO D 29 -28.04 -25.88 0.93
N VAL D 30 -28.13 -27.13 0.48
CA VAL D 30 -29.39 -27.87 0.46
C VAL D 30 -29.26 -29.23 1.10
N ASP D 31 -30.43 -29.81 1.41
CA ASP D 31 -30.54 -31.20 1.84
C ASP D 31 -30.67 -32.06 0.60
N ILE D 32 -29.61 -32.81 0.32
CA ILE D 32 -29.56 -33.71 -0.83
C ILE D 32 -30.35 -34.95 -0.46
N ARG D 33 -31.34 -35.29 -1.29
CA ARG D 33 -32.18 -36.48 -1.07
C ARG D 33 -31.95 -37.39 -2.27
N PRO D 34 -31.11 -38.43 -2.12
CA PRO D 34 -30.78 -39.27 -3.26
C PRO D 34 -31.97 -39.93 -3.96
N GLN D 35 -33.06 -40.17 -3.23
CA GLN D 35 -34.32 -40.64 -3.80
C GLN D 35 -34.85 -39.68 -4.85
N LEU D 36 -34.81 -38.38 -4.55
CA LEU D 36 -35.34 -37.34 -5.45
C LEU D 36 -34.35 -36.83 -6.50
N ALA D 37 -33.15 -37.42 -6.58
CA ALA D 37 -32.13 -36.96 -7.52
C ALA D 37 -32.37 -37.65 -8.84
N ALA D 38 -32.14 -36.94 -9.93
CA ALA D 38 -32.36 -37.49 -11.25
C ALA D 38 -31.05 -38.00 -11.77
N PHE D 39 -31.01 -39.29 -12.08
CA PHE D 39 -29.86 -39.88 -12.77
C PHE D 39 -29.75 -39.26 -14.14
N SER D 40 -28.59 -38.67 -14.40
CA SER D 40 -28.35 -37.90 -15.60
C SER D 40 -27.04 -38.39 -16.24
N PRO D 41 -27.11 -39.33 -17.21
CA PRO D 41 -25.87 -39.90 -17.78
C PRO D 41 -25.03 -38.96 -18.62
N ALA D 42 -25.52 -37.76 -18.95
CA ALA D 42 -24.66 -36.75 -19.55
C ALA D 42 -23.54 -36.26 -18.60
N LEU D 43 -23.76 -36.38 -17.29
CA LEU D 43 -22.74 -36.01 -16.29
C LEU D 43 -21.55 -36.98 -16.29
N ARG D 44 -20.45 -36.54 -16.89
CA ARG D 44 -19.23 -37.35 -16.99
C ARG D 44 -18.24 -37.05 -15.85
N PRO D 45 -17.16 -37.87 -15.74
CA PRO D 45 -16.23 -37.61 -14.66
C PRO D 45 -15.56 -36.24 -14.75
N LEU D 46 -15.35 -35.62 -13.60
CA LEU D 46 -14.72 -34.31 -13.56
C LEU D 46 -13.26 -34.44 -13.93
N GLU D 47 -12.70 -33.40 -14.53
CA GLU D 47 -11.28 -33.40 -14.86
C GLU D 47 -10.58 -32.20 -14.25
N LEU D 48 -9.44 -32.45 -13.62
CA LEU D 48 -8.61 -31.43 -12.98
C LEU D 48 -7.26 -31.39 -13.65
N LEU D 49 -6.70 -30.21 -13.77
CA LEU D 49 -5.35 -30.03 -14.32
C LEU D 49 -4.64 -28.98 -13.49
N GLY D 50 -3.38 -29.27 -13.13
CA GLY D 50 -2.56 -28.30 -12.43
C GLY D 50 -2.69 -28.31 -10.93
N PHE D 51 -3.45 -29.25 -10.37
CA PHE D 51 -3.69 -29.30 -8.92
C PHE D 51 -2.54 -29.88 -8.11
N GLN D 52 -1.61 -30.59 -8.76
CA GLN D 52 -0.46 -31.14 -8.06
C GLN D 52 0.62 -30.04 -7.96
N LEU D 53 0.51 -29.18 -6.97
CA LEU D 53 1.42 -28.04 -6.86
C LEU D 53 2.76 -28.43 -6.25
N PRO D 54 3.85 -27.78 -6.72
CA PRO D 54 5.14 -27.92 -6.04
C PRO D 54 5.18 -27.07 -4.76
N PRO D 55 6.21 -27.26 -3.91
CA PRO D 55 6.32 -26.48 -2.67
C PRO D 55 6.33 -24.97 -2.87
N LEU D 56 6.99 -24.46 -3.90
CA LEU D 56 7.03 -23.04 -4.16
C LEU D 56 6.38 -22.74 -5.49
N PRO D 57 5.74 -21.59 -5.63
CA PRO D 57 5.63 -20.56 -4.56
C PRO D 57 4.65 -20.96 -3.45
N GLU D 58 4.82 -20.36 -2.29
CA GLU D 58 3.90 -20.63 -1.18
C GLU D 58 2.51 -20.04 -1.41
N LEU D 59 1.54 -20.57 -0.66
CA LEU D 59 0.12 -20.18 -0.71
C LEU D 59 -0.26 -19.45 0.57
N ARG D 60 -1.14 -18.45 0.47
CA ARG D 60 -1.62 -17.76 1.65
C ARG D 60 -2.78 -18.53 2.27
N LEU D 61 -2.69 -18.73 3.58
CA LEU D 61 -3.68 -19.44 4.34
C LEU D 61 -4.12 -18.45 5.40
N ARG D 62 -5.42 -18.17 5.42
CA ARG D 62 -5.96 -17.06 6.21
C ARG D 62 -7.12 -17.52 7.08
N ASN D 63 -7.11 -17.05 8.32
CA ASN D 63 -8.28 -17.06 9.17
C ASN D 63 -9.01 -15.75 8.93
N ASN D 64 -10.10 -15.79 8.15
CA ASN D 64 -10.86 -14.57 7.86
C ASN D 64 -11.99 -14.32 8.86
N GLY D 65 -12.03 -15.08 9.96
CA GLY D 65 -13.08 -14.97 10.96
C GLY D 65 -14.32 -15.81 10.68
N HIS D 66 -14.49 -16.26 9.44
CA HIS D 66 -15.61 -17.12 9.00
C HIS D 66 -15.20 -18.51 8.56
N SER D 67 -13.97 -18.64 8.09
CA SER D 67 -13.42 -19.95 7.74
C SER D 67 -11.90 -19.86 7.76
N VAL D 68 -11.26 -20.96 7.44
CA VAL D 68 -9.84 -20.94 7.07
C VAL D 68 -9.84 -21.11 5.57
N GLN D 69 -9.17 -20.18 4.89
CA GLN D 69 -9.16 -20.11 3.44
C GLN D 69 -7.76 -20.22 2.85
N LEU D 70 -7.59 -21.11 1.86
CA LEU D 70 -6.31 -21.25 1.16
C LEU D 70 -6.46 -20.62 -0.20
N THR D 71 -5.66 -19.60 -0.49
CA THR D 71 -5.70 -18.95 -1.79
C THR D 71 -4.89 -19.78 -2.77
N LEU D 72 -5.51 -20.09 -3.90
CA LEU D 72 -4.90 -20.96 -4.90
C LEU D 72 -4.24 -20.09 -5.99
N PRO D 73 -3.13 -20.57 -6.57
CA PRO D 73 -2.45 -19.76 -7.61
C PRO D 73 -3.10 -19.92 -8.97
N PRO D 74 -2.66 -19.15 -9.97
CA PRO D 74 -3.14 -19.42 -11.33
C PRO D 74 -2.74 -20.80 -11.88
N GLY D 75 -3.49 -21.27 -12.86
CA GLY D 75 -3.16 -22.52 -13.55
C GLY D 75 -3.88 -23.76 -13.10
N LEU D 76 -4.83 -23.64 -12.16
CA LEU D 76 -5.60 -24.80 -11.70
C LEU D 76 -6.89 -24.88 -12.52
N GLU D 77 -6.96 -25.82 -13.44
CA GLU D 77 -8.07 -25.91 -14.37
C GLU D 77 -9.00 -27.02 -13.96
N MET D 78 -10.29 -26.75 -14.03
CA MET D 78 -11.32 -27.75 -13.73
C MET D 78 -12.33 -27.73 -14.86
N ALA D 79 -12.74 -28.90 -15.34
CA ALA D 79 -13.79 -29.02 -16.33
C ALA D 79 -14.95 -29.83 -15.78
N LEU D 80 -16.16 -29.26 -15.79
CA LEU D 80 -17.37 -29.99 -15.41
C LEU D 80 -17.81 -30.89 -16.55
N GLY D 81 -17.36 -30.57 -17.75
CA GLY D 81 -17.62 -31.39 -18.90
C GLY D 81 -17.11 -30.66 -20.11
N PRO D 82 -17.25 -31.27 -21.30
CA PRO D 82 -16.77 -30.63 -22.54
C PRO D 82 -17.37 -29.24 -22.70
N GLY D 83 -16.50 -28.26 -22.90
CA GLY D 83 -16.92 -26.87 -22.98
C GLY D 83 -17.38 -26.17 -21.70
N ARG D 84 -17.19 -26.79 -20.53
CA ARG D 84 -17.60 -26.20 -19.24
C ARG D 84 -16.35 -26.09 -18.37
N GLU D 85 -15.60 -25.02 -18.59
CA GLU D 85 -14.23 -24.90 -18.06
C GLU D 85 -14.10 -23.81 -17.02
N TYR D 86 -13.36 -24.13 -15.97
CA TYR D 86 -13.24 -23.26 -14.79
C TYR D 86 -11.79 -23.20 -14.34
N ARG D 87 -11.48 -22.20 -13.55
CA ARG D 87 -10.19 -22.14 -12.87
C ARG D 87 -10.38 -21.88 -11.37
N ALA D 88 -9.64 -22.63 -10.57
CA ALA D 88 -9.78 -22.60 -9.12
C ALA D 88 -9.20 -21.30 -8.57
N LEU D 89 -9.92 -20.70 -7.63
CA LEU D 89 -9.52 -19.48 -6.95
C LEU D 89 -9.01 -19.70 -5.52
N GLN D 90 -9.71 -20.54 -4.78
CA GLN D 90 -9.46 -20.69 -3.36
C GLN D 90 -10.21 -21.91 -2.90
N LEU D 91 -9.79 -22.45 -1.76
CA LEU D 91 -10.58 -23.42 -1.02
C LEU D 91 -10.67 -23.01 0.45
N HIS D 92 -11.68 -23.56 1.12
CA HIS D 92 -11.93 -23.29 2.51
C HIS D 92 -12.81 -24.40 3.07
N LEU D 93 -13.07 -24.31 4.37
CA LEU D 93 -13.74 -25.35 5.12
C LEU D 93 -14.89 -24.82 5.98
N HIS D 94 -15.83 -25.70 6.26
CA HIS D 94 -16.90 -25.45 7.21
C HIS D 94 -16.96 -26.64 8.17
N TRP D 95 -17.13 -26.37 9.45
CA TRP D 95 -17.00 -27.41 10.48
C TRP D 95 -17.89 -27.09 11.68
N GLY D 96 -17.97 -28.05 12.60
CA GLY D 96 -18.83 -27.92 13.75
C GLY D 96 -18.08 -27.55 15.03
N ALA D 97 -18.37 -28.31 16.08
CA ALA D 97 -17.78 -28.12 17.41
C ALA D 97 -17.70 -29.52 18.03
N ALA D 98 -17.33 -29.62 19.30
CA ALA D 98 -17.10 -30.92 19.94
C ALA D 98 -18.40 -31.73 19.98
N GLY D 99 -18.37 -32.92 19.37
CA GLY D 99 -19.59 -33.73 19.16
C GLY D 99 -20.79 -33.03 18.51
N ARG D 100 -20.53 -32.10 17.58
CA ARG D 100 -21.61 -31.44 16.82
C ARG D 100 -21.13 -31.29 15.37
N PRO D 101 -21.85 -31.88 14.40
CA PRO D 101 -21.38 -31.80 13.02
C PRO D 101 -21.55 -30.38 12.46
N GLY D 102 -20.81 -30.06 11.40
CA GLY D 102 -20.90 -28.72 10.79
C GLY D 102 -20.74 -28.61 9.29
N SER D 103 -20.99 -29.70 8.55
CA SER D 103 -21.09 -29.60 7.08
C SER D 103 -22.25 -28.69 6.68
N GLU D 104 -22.19 -28.19 5.45
CA GLU D 104 -23.20 -27.24 4.97
C GLU D 104 -24.31 -28.01 4.29
N HIS D 105 -23.94 -28.89 3.37
CA HIS D 105 -24.87 -29.81 2.77
C HIS D 105 -25.15 -30.92 3.77
N THR D 106 -26.38 -31.42 3.71
CA THR D 106 -26.77 -32.60 4.48
C THR D 106 -27.26 -33.60 3.46
N VAL D 107 -27.29 -34.86 3.86
CA VAL D 107 -27.85 -35.93 3.04
C VAL D 107 -28.97 -36.62 3.83
N GLU D 108 -30.21 -36.49 3.36
CA GLU D 108 -31.40 -37.03 4.05
C GLU D 108 -31.39 -36.63 5.50
N GLY D 109 -31.11 -35.36 5.76
CA GLY D 109 -31.07 -34.82 7.10
C GLY D 109 -29.75 -34.95 7.83
N HIS D 110 -28.90 -35.91 7.44
CA HIS D 110 -27.63 -36.15 8.12
C HIS D 110 -26.59 -35.05 7.81
N ARG D 111 -26.19 -34.32 8.85
CA ARG D 111 -25.06 -33.40 8.77
C ARG D 111 -23.75 -34.14 9.05
N PHE D 112 -22.74 -33.95 8.20
CA PHE D 112 -21.43 -34.59 8.36
C PHE D 112 -20.52 -33.70 9.21
N PRO D 113 -19.41 -34.25 9.73
CA PRO D 113 -18.54 -33.44 10.63
C PRO D 113 -18.05 -32.11 10.06
N ALA D 114 -17.61 -32.13 8.81
CA ALA D 114 -17.11 -30.93 8.13
C ALA D 114 -17.22 -31.05 6.59
N GLU D 115 -16.91 -29.98 5.89
CA GLU D 115 -17.05 -29.96 4.41
C GLU D 115 -15.97 -29.05 3.81
N ILE D 116 -15.36 -29.49 2.71
CA ILE D 116 -14.41 -28.69 1.94
C ILE D 116 -15.10 -28.11 0.71
N HIS D 117 -14.81 -26.84 0.42
CA HIS D 117 -15.24 -26.18 -0.79
C HIS D 117 -14.05 -25.67 -1.58
N VAL D 118 -13.99 -26.02 -2.86
CA VAL D 118 -13.00 -25.49 -3.79
C VAL D 118 -13.77 -24.64 -4.79
N VAL D 119 -13.53 -23.33 -4.74
CA VAL D 119 -14.31 -22.35 -5.47
C VAL D 119 -13.61 -22.03 -6.79
N HIS D 120 -14.38 -22.02 -7.88
CA HIS D 120 -13.84 -21.84 -9.23
C HIS D 120 -14.60 -20.77 -10.00
N LEU D 121 -13.89 -20.11 -10.91
CA LEU D 121 -14.38 -19.06 -11.79
C LEU D 121 -14.42 -19.57 -13.22
N SER D 122 -15.55 -19.40 -13.90
CA SER D 122 -15.66 -19.74 -15.30
C SER D 122 -14.63 -18.95 -16.13
N THR D 123 -14.04 -19.63 -17.11
CA THR D 123 -13.07 -18.99 -18.01
C THR D 123 -13.67 -17.89 -18.87
N ALA D 124 -15.00 -17.79 -18.95
CA ALA D 124 -15.67 -16.68 -19.61
C ALA D 124 -15.58 -15.36 -18.87
N PHE D 125 -15.20 -15.38 -17.59
CA PHE D 125 -15.10 -14.18 -16.75
C PHE D 125 -13.66 -13.97 -16.29
N ALA D 126 -13.27 -12.70 -16.19
CA ALA D 126 -11.92 -12.32 -15.75
C ALA D 126 -11.87 -12.21 -14.25
N ARG D 127 -12.98 -11.84 -13.62
CA ARG D 127 -12.99 -11.85 -12.17
C ARG D 127 -14.33 -12.14 -11.55
N VAL D 128 -14.24 -12.47 -10.26
CA VAL D 128 -15.36 -13.00 -9.53
C VAL D 128 -16.53 -12.05 -9.64
N ASP D 129 -16.30 -10.75 -9.43
CA ASP D 129 -17.43 -9.82 -9.36
C ASP D 129 -18.16 -9.64 -10.67
N GLU D 130 -17.52 -9.93 -11.79
CA GLU D 130 -18.24 -10.00 -13.08
C GLU D 130 -19.12 -11.28 -13.14
N ALA D 131 -18.66 -12.35 -12.50
CA ALA D 131 -19.34 -13.65 -12.54
C ALA D 131 -20.51 -13.77 -11.56
N LEU D 132 -20.53 -12.94 -10.52
CA LEU D 132 -21.58 -13.06 -9.50
C LEU D 132 -22.96 -12.92 -10.08
N GLY D 133 -23.82 -13.90 -9.79
CA GLY D 133 -25.19 -13.87 -10.29
C GLY D 133 -25.35 -14.30 -11.74
N ARG D 134 -24.26 -14.63 -12.45
CA ARG D 134 -24.40 -15.03 -13.86
C ARG D 134 -24.50 -16.52 -13.97
N PRO D 135 -25.29 -17.05 -14.93
CA PRO D 135 -25.46 -18.51 -15.01
C PRO D 135 -24.14 -19.27 -15.17
N GLY D 136 -23.82 -20.13 -14.21
CA GLY D 136 -22.59 -20.91 -14.25
C GLY D 136 -21.28 -20.11 -14.19
N GLY D 137 -21.36 -18.86 -13.73
CA GLY D 137 -20.20 -18.00 -13.64
C GLY D 137 -19.19 -18.49 -12.61
N LEU D 138 -19.69 -19.07 -11.53
CA LEU D 138 -18.89 -19.74 -10.52
C LEU D 138 -19.32 -21.19 -10.35
N ALA D 139 -18.35 -22.03 -9.95
CA ALA D 139 -18.57 -23.45 -9.67
C ALA D 139 -17.82 -23.86 -8.43
N VAL D 140 -18.48 -24.58 -7.53
CA VAL D 140 -17.85 -25.08 -6.29
C VAL D 140 -17.85 -26.60 -6.31
N LEU D 141 -16.71 -27.20 -6.00
CA LEU D 141 -16.62 -28.64 -5.70
C LEU D 141 -16.67 -28.78 -4.18
N ALA D 142 -17.55 -29.65 -3.70
CA ALA D 142 -17.78 -29.86 -2.27
C ALA D 142 -17.65 -31.34 -1.91
N ALA D 143 -16.95 -31.59 -0.82
CA ALA D 143 -16.73 -32.95 -0.33
C ALA D 143 -16.99 -32.94 1.16
N PHE D 144 -17.61 -34.00 1.67
CA PHE D 144 -17.80 -34.12 3.12
C PHE D 144 -16.55 -34.72 3.71
N LEU D 145 -16.23 -34.28 4.91
CA LEU D 145 -15.14 -34.83 5.69
C LEU D 145 -15.75 -35.60 6.85
N GLU D 146 -15.34 -36.87 7.00
CA GLU D 146 -15.84 -37.77 8.04
C GLU D 146 -14.69 -38.27 8.91
N GLU D 147 -15.07 -38.82 10.07
CA GLU D 147 -14.09 -39.41 10.98
C GLU D 147 -13.63 -40.77 10.47
N GLY D 148 -12.32 -40.96 10.40
CA GLY D 148 -11.70 -42.21 10.00
C GLY D 148 -10.60 -42.61 10.99
N PRO D 149 -10.02 -43.80 10.80
CA PRO D 149 -8.99 -44.32 11.71
C PRO D 149 -7.55 -43.83 11.41
N GLU D 150 -7.22 -43.52 10.15
CA GLU D 150 -5.88 -43.02 9.80
C GLU D 150 -5.85 -41.49 9.74
N GLU D 151 -4.67 -40.93 10.04
CA GLU D 151 -4.39 -39.51 9.84
C GLU D 151 -4.33 -39.26 8.33
N ASN D 152 -5.06 -38.25 7.86
CA ASN D 152 -4.97 -37.83 6.47
C ASN D 152 -3.77 -36.93 6.31
N SER D 153 -2.80 -37.35 5.50
CA SER D 153 -1.55 -36.60 5.39
C SER D 153 -1.70 -35.36 4.53
N ALA D 154 -2.58 -35.38 3.53
CA ALA D 154 -2.85 -34.14 2.79
C ALA D 154 -3.42 -33.06 3.74
N TYR D 155 -4.43 -33.41 4.52
CA TYR D 155 -5.03 -32.42 5.43
C TYR D 155 -4.06 -31.97 6.53
N GLU D 156 -3.18 -32.86 6.98
CA GLU D 156 -2.23 -32.56 8.03
C GLU D 156 -1.34 -31.36 7.68
N GLN D 157 -0.94 -31.26 6.41
CA GLN D 157 -0.20 -30.08 5.91
C GLN D 157 -0.87 -28.72 6.20
N LEU D 158 -2.20 -28.68 6.17
CA LEU D 158 -2.93 -27.46 6.49
C LEU D 158 -3.26 -27.36 7.97
N LEU D 159 -3.73 -28.47 8.53
CA LEU D 159 -4.20 -28.50 9.91
C LEU D 159 -3.06 -28.24 10.91
N SER D 160 -1.84 -28.65 10.55
CA SER D 160 -0.65 -28.37 11.37
C SER D 160 -0.24 -26.89 11.41
N ARG D 161 -0.80 -26.06 10.53
CA ARG D 161 -0.50 -24.63 10.48
C ARG D 161 -1.59 -23.72 11.05
N LEU D 162 -2.72 -24.31 11.46
CA LEU D 162 -3.81 -23.55 12.07
C LEU D 162 -3.43 -22.80 13.35
N GLU D 163 -2.53 -23.36 14.18
CA GLU D 163 -2.11 -22.68 15.43
C GLU D 163 -1.54 -21.29 15.15
N GLU D 164 -0.80 -21.14 14.06
CA GLU D 164 -0.23 -19.83 13.62
C GLU D 164 -1.26 -18.81 13.21
N ILE D 165 -2.49 -19.25 12.89
CA ILE D 165 -3.53 -18.31 12.47
C ILE D 165 -4.78 -18.40 13.36
N ALA D 166 -4.57 -18.69 14.64
CA ALA D 166 -5.67 -18.80 15.60
C ALA D 166 -6.46 -17.50 15.72
N GLU D 167 -5.77 -16.37 15.72
CA GLU D 167 -6.44 -15.10 15.87
C GLU D 167 -7.25 -14.77 14.62
N GLU D 168 -8.48 -14.32 14.82
CA GLU D 168 -9.30 -13.80 13.72
C GLU D 168 -8.48 -12.79 12.92
N GLY D 169 -8.54 -12.90 11.60
CA GLY D 169 -7.88 -11.94 10.72
C GLY D 169 -6.40 -12.16 10.45
N SER D 170 -5.84 -13.24 10.96
CA SER D 170 -4.43 -13.54 10.81
C SER D 170 -4.20 -14.46 9.62
N GLU D 171 -2.96 -14.49 9.17
CA GLU D 171 -2.59 -15.31 8.01
C GLU D 171 -1.13 -15.79 8.05
N THR D 172 -0.89 -16.84 7.30
CA THR D 172 0.45 -17.40 7.15
C THR D 172 0.63 -17.85 5.68
N GLN D 173 1.85 -18.22 5.33
CA GLN D 173 2.19 -18.76 4.02
C GLN D 173 2.52 -20.21 4.22
N VAL D 174 2.01 -21.09 3.35
CA VAL D 174 2.30 -22.53 3.44
C VAL D 174 2.78 -23.06 2.09
N PRO D 175 3.61 -24.11 2.09
CA PRO D 175 4.04 -24.72 0.82
C PRO D 175 2.88 -25.24 -0.01
N GLY D 176 3.02 -25.17 -1.31
CA GLY D 176 2.07 -25.81 -2.21
C GLY D 176 2.00 -27.30 -1.91
N LEU D 177 0.89 -27.90 -2.27
CA LEU D 177 0.70 -29.33 -2.12
C LEU D 177 -0.25 -29.81 -3.20
N ASP D 178 -0.45 -31.12 -3.23
CA ASP D 178 -1.41 -31.72 -4.13
C ASP D 178 -2.81 -31.37 -3.66
N ILE D 179 -3.39 -30.39 -4.31
CA ILE D 179 -4.71 -29.91 -3.90
C ILE D 179 -5.78 -30.99 -4.10
N SER D 180 -5.59 -31.84 -5.11
CA SER D 180 -6.55 -32.91 -5.38
C SER D 180 -6.54 -34.03 -4.33
N ALA D 181 -5.46 -34.14 -3.56
CA ALA D 181 -5.43 -35.06 -2.45
C ALA D 181 -6.29 -34.59 -1.28
N LEU D 182 -6.83 -33.37 -1.31
CA LEU D 182 -7.81 -32.92 -0.31
C LEU D 182 -9.23 -33.32 -0.65
N LEU D 183 -9.40 -33.90 -1.84
CA LEU D 183 -10.68 -34.32 -2.40
C LEU D 183 -10.75 -35.83 -2.55
N PRO D 184 -11.95 -36.39 -2.72
CA PRO D 184 -12.06 -37.83 -2.97
C PRO D 184 -11.35 -38.28 -4.24
N SER D 185 -10.96 -39.54 -4.29
CA SER D 185 -10.37 -40.13 -5.50
C SER D 185 -11.41 -40.36 -6.59
N ASP D 186 -12.67 -40.56 -6.23
CA ASP D 186 -13.72 -40.88 -7.20
C ASP D 186 -14.35 -39.58 -7.73
N PHE D 187 -13.94 -39.19 -8.93
CA PHE D 187 -14.45 -37.99 -9.60
C PHE D 187 -15.63 -38.30 -10.53
N SER D 188 -16.14 -39.53 -10.49
CA SER D 188 -17.21 -39.94 -11.41
C SER D 188 -18.60 -39.96 -10.74
N ARG D 189 -18.65 -40.06 -9.42
CA ARG D 189 -19.90 -40.17 -8.67
C ARG D 189 -20.16 -38.91 -7.87
N TYR D 190 -21.17 -38.14 -8.30
CA TYR D 190 -21.46 -36.87 -7.68
C TYR D 190 -22.89 -36.42 -7.94
N PHE D 191 -23.34 -35.50 -7.08
CA PHE D 191 -24.58 -34.78 -7.26
C PHE D 191 -24.24 -33.42 -7.80
N GLN D 192 -25.18 -32.84 -8.57
CA GLN D 192 -24.97 -31.52 -9.14
C GLN D 192 -26.28 -30.73 -9.22
N TYR D 193 -26.21 -29.47 -8.81
CA TYR D 193 -27.39 -28.60 -8.87
C TYR D 193 -26.91 -27.17 -8.97
N GLU D 194 -27.83 -26.27 -9.29
CA GLU D 194 -27.55 -24.87 -9.36
C GLU D 194 -28.08 -24.15 -8.12
N GLY D 195 -27.23 -23.34 -7.51
CA GLY D 195 -27.57 -22.65 -6.28
C GLY D 195 -26.85 -21.33 -6.12
N SER D 196 -26.31 -21.10 -4.92
CA SER D 196 -25.74 -19.80 -4.57
C SER D 196 -24.48 -19.96 -3.76
N LEU D 197 -23.83 -18.84 -3.53
CA LEU D 197 -22.79 -18.76 -2.51
C LEU D 197 -23.47 -18.86 -1.14
N THR D 198 -22.82 -19.54 -0.19
CA THR D 198 -23.43 -19.82 1.12
C THR D 198 -23.15 -18.78 2.16
N THR D 199 -22.45 -17.72 1.77
CA THR D 199 -22.30 -16.54 2.59
C THR D 199 -22.60 -15.35 1.72
N PRO D 200 -22.85 -14.18 2.34
CA PRO D 200 -22.94 -12.98 1.52
C PRO D 200 -21.75 -12.88 0.57
N PRO D 201 -21.94 -12.40 -0.65
CA PRO D 201 -23.20 -11.82 -1.09
C PRO D 201 -24.28 -12.82 -1.57
N CYS D 202 -24.08 -14.12 -1.39
CA CYS D 202 -25.11 -15.14 -1.70
C CYS D 202 -25.63 -15.13 -3.13
N ALA D 203 -24.78 -14.75 -4.08
CA ALA D 203 -25.19 -14.64 -5.45
C ALA D 203 -25.57 -16.02 -6.03
N GLN D 204 -26.62 -16.04 -6.84
CA GLN D 204 -27.09 -17.28 -7.46
C GLN D 204 -26.34 -17.53 -8.76
N GLY D 205 -26.67 -18.61 -9.46
CA GLY D 205 -25.94 -19.00 -10.67
C GLY D 205 -24.71 -19.87 -10.44
N VAL D 206 -24.55 -20.35 -9.20
CA VAL D 206 -23.39 -21.13 -8.83
C VAL D 206 -23.68 -22.60 -9.12
N ILE D 207 -22.80 -23.28 -9.85
CA ILE D 207 -22.95 -24.72 -10.05
C ILE D 207 -22.26 -25.47 -8.91
N TRP D 208 -23.05 -26.21 -8.13
CA TRP D 208 -22.54 -27.02 -7.03
C TRP D 208 -22.37 -28.46 -7.47
N THR D 209 -21.18 -29.02 -7.25
CA THR D 209 -20.92 -30.42 -7.46
C THR D 209 -20.53 -31.00 -6.10
N VAL D 210 -21.32 -31.95 -5.62
CA VAL D 210 -21.08 -32.58 -4.31
C VAL D 210 -20.71 -34.04 -4.55
N PHE D 211 -19.49 -34.39 -4.14
CA PHE D 211 -19.00 -35.76 -4.32
C PHE D 211 -19.77 -36.75 -3.46
N ASN D 212 -20.01 -37.93 -4.01
CA ASN D 212 -20.66 -39.03 -3.27
C ASN D 212 -19.67 -39.60 -2.22
N GLN D 213 -18.44 -39.84 -2.63
CA GLN D 213 -17.40 -40.37 -1.76
C GLN D 213 -16.95 -39.29 -0.78
N THR D 214 -16.76 -39.65 0.49
CA THR D 214 -16.26 -38.72 1.50
C THR D 214 -14.75 -38.84 1.68
N VAL D 215 -14.18 -37.90 2.42
CA VAL D 215 -12.76 -37.87 2.73
C VAL D 215 -12.65 -38.12 4.23
N MET D 216 -11.70 -38.97 4.62
CA MET D 216 -11.52 -39.38 6.01
C MET D 216 -10.44 -38.56 6.70
N LEU D 217 -10.77 -37.92 7.81
CA LEU D 217 -9.78 -37.32 8.71
C LEU D 217 -9.83 -38.06 10.04
N SER D 218 -8.72 -38.08 10.77
CA SER D 218 -8.69 -38.68 12.12
C SER D 218 -9.47 -37.81 13.07
N ALA D 219 -9.89 -38.39 14.20
CA ALA D 219 -10.55 -37.63 15.26
C ALA D 219 -9.71 -36.47 15.77
N LYS D 220 -8.41 -36.68 15.92
CA LYS D 220 -7.49 -35.61 16.33
C LYS D 220 -7.56 -34.44 15.32
N GLN D 221 -7.44 -34.77 14.04
CA GLN D 221 -7.51 -33.80 12.96
C GLN D 221 -8.79 -32.97 13.00
N LEU D 222 -9.94 -33.65 13.16
CA LEU D 222 -11.24 -32.95 13.24
C LEU D 222 -11.33 -32.08 14.47
N HIS D 223 -10.75 -32.55 15.59
CA HIS D 223 -10.70 -31.72 16.79
C HIS D 223 -9.84 -30.47 16.55
N THR D 224 -8.66 -30.65 15.96
CA THR D 224 -7.77 -29.51 15.59
C THR D 224 -8.49 -28.47 14.71
N LEU D 225 -9.25 -28.95 13.73
CA LEU D 225 -10.00 -28.06 12.84
C LEU D 225 -11.02 -27.24 13.60
N SER D 226 -11.81 -27.90 14.45
CA SER D 226 -12.89 -27.21 15.19
C SER D 226 -12.46 -26.47 16.46
N ASP D 227 -11.26 -26.71 16.95
CA ASP D 227 -10.86 -26.21 18.27
C ASP D 227 -9.76 -25.16 18.25
N THR D 228 -9.14 -24.86 17.10
CA THR D 228 -7.95 -24.04 17.06
C THR D 228 -8.23 -22.57 16.76
N LEU D 229 -9.23 -22.28 15.93
CA LEU D 229 -9.38 -20.91 15.39
C LEU D 229 -10.41 -20.08 16.15
N TRP D 230 -10.22 -18.77 16.17
CA TRP D 230 -11.08 -17.84 16.89
C TRP D 230 -11.67 -16.88 15.88
N GLY D 231 -12.93 -16.51 16.12
CA GLY D 231 -13.73 -15.71 15.22
C GLY D 231 -14.12 -14.38 15.85
N PRO D 232 -15.18 -13.73 15.33
CA PRO D 232 -15.50 -12.36 15.74
C PRO D 232 -15.95 -12.31 17.19
N GLY D 233 -15.63 -11.22 17.87
CA GLY D 233 -15.77 -11.14 19.33
C GLY D 233 -14.70 -12.01 19.97
N ASP D 234 -14.98 -12.50 21.17
CA ASP D 234 -14.07 -13.40 21.88
C ASP D 234 -14.57 -14.84 21.75
N SER D 235 -15.11 -15.18 20.58
CA SER D 235 -15.74 -16.49 20.33
C SER D 235 -14.82 -17.39 19.53
N ARG D 236 -14.92 -18.69 19.77
CA ARG D 236 -14.28 -19.68 18.92
C ARG D 236 -14.92 -19.72 17.52
N LEU D 237 -14.12 -19.99 16.49
CA LEU D 237 -14.62 -20.10 15.12
C LEU D 237 -15.11 -21.54 14.95
N GLN D 238 -16.41 -21.72 15.11
CA GLN D 238 -17.05 -23.04 15.14
C GLN D 238 -18.44 -22.95 14.55
N LEU D 239 -18.96 -24.09 14.10
CA LEU D 239 -20.34 -24.17 13.59
C LEU D 239 -20.56 -23.06 12.54
N ASN D 240 -19.59 -22.99 11.62
CA ASN D 240 -19.57 -21.94 10.60
C ASN D 240 -20.20 -22.51 9.33
N PHE D 241 -21.50 -22.79 9.42
CA PHE D 241 -22.30 -23.24 8.29
C PHE D 241 -23.63 -22.51 8.25
N ARG D 242 -24.16 -22.38 7.04
CA ARG D 242 -25.45 -21.74 6.83
C ARG D 242 -26.57 -22.78 7.05
N ALA D 243 -27.71 -22.32 7.57
CA ALA D 243 -28.89 -23.18 7.68
C ALA D 243 -29.27 -23.69 6.29
N THR D 244 -29.76 -24.92 6.27
CA THR D 244 -30.22 -25.55 5.03
C THR D 244 -31.27 -24.72 4.31
N GLN D 245 -31.17 -24.66 2.99
CA GLN D 245 -32.07 -23.87 2.18
C GLN D 245 -32.94 -24.80 1.36
N PRO D 246 -34.22 -24.45 1.15
CA PRO D 246 -35.09 -25.37 0.37
C PRO D 246 -34.71 -25.47 -1.10
N LEU D 247 -34.89 -26.65 -1.69
CA LEU D 247 -34.71 -26.79 -3.13
C LEU D 247 -35.65 -25.92 -3.96
N ASN D 248 -36.87 -25.71 -3.47
CA ASN D 248 -37.85 -24.83 -4.12
C ASN D 248 -38.12 -25.19 -5.59
N GLY D 249 -38.10 -26.48 -5.87
CA GLY D 249 -38.44 -26.99 -7.19
C GLY D 249 -37.26 -27.38 -8.04
N ARG D 250 -36.04 -27.05 -7.60
CA ARG D 250 -34.86 -27.52 -8.28
C ARG D 250 -34.74 -29.02 -8.13
N VAL D 251 -34.25 -29.67 -9.17
CA VAL D 251 -33.97 -31.10 -9.15
C VAL D 251 -32.49 -31.33 -9.13
N ILE D 252 -31.97 -32.02 -8.12
CA ILE D 252 -30.56 -32.33 -8.04
C ILE D 252 -30.31 -33.44 -9.02
N GLU D 253 -29.26 -33.30 -9.83
CA GLU D 253 -28.85 -34.33 -10.76
C GLU D 253 -27.81 -35.21 -10.11
N ALA D 254 -27.81 -36.49 -10.46
CA ALA D 254 -26.83 -37.44 -9.94
C ALA D 254 -26.13 -38.06 -11.12
N SER D 255 -24.80 -38.19 -11.03
CA SER D 255 -24.01 -38.74 -12.14
C SER D 255 -24.06 -40.27 -12.22
N PHE D 256 -24.74 -40.92 -11.28
CA PHE D 256 -24.70 -42.38 -11.14
C PHE D 256 -26.11 -42.87 -10.81
N PRO D 257 -26.46 -44.09 -11.28
CA PRO D 257 -27.83 -44.59 -11.07
C PRO D 257 -28.12 -44.94 -9.63
N1 82E E . -5.37 4.87 -16.18
S2 82E E . -4.78 3.73 -15.22
O5 82E E . -3.96 2.78 -15.92
O6 82E E . -3.99 4.39 -14.20
C7 82E E . -6.01 3.00 -14.40
C8 82E E . -7.08 3.66 -13.75
C9 82E E . -7.94 2.76 -13.08
C10 82E E . -7.49 1.44 -13.23
S11 82E E . -6.07 1.31 -14.18
C12 82E E . -8.04 0.18 -12.66
N13 82E E . -7.58 -1.02 -13.07
N14 82E E . -8.23 -1.97 -12.30
N15 82E E . -9.06 -1.23 -11.46
C16 82E E . -8.93 0.10 -11.61
C17 82E E . -9.81 -1.87 -10.54
C18 82E E . -10.10 -1.29 -9.31
C19 82E E . -10.83 -1.94 -8.32
C20 82E E . -11.30 -3.23 -8.52
C21 82E E . -11.04 -3.85 -9.75
C22 82E E . -10.29 -3.17 -10.72
O23 82E E . -12.05 -3.88 -7.56
C24 82E E . -12.51 -3.24 -6.35
ZN ZN F . -4.98 4.55 -18.11
C1 GOL G . -10.50 3.77 -17.68
O1 GOL G . -9.57 4.54 -16.92
C2 GOL G . -9.91 2.38 -17.85
O2 GOL G . -10.65 1.66 -18.86
C3 GOL G . -10.03 1.70 -16.50
O3 GOL G . -8.98 0.75 -16.41
S SO4 H . -7.22 16.33 -10.40
O1 SO4 H . -7.27 15.39 -11.56
O2 SO4 H . -5.97 17.10 -10.38
O3 SO4 H . -7.40 15.56 -9.15
O4 SO4 H . -8.35 17.27 -10.49
S SO4 I . 6.61 19.57 -9.81
O1 SO4 I . 8.08 19.62 -9.92
O2 SO4 I . 5.98 20.89 -9.95
O3 SO4 I . 6.28 19.07 -8.47
O4 SO4 I . 6.05 18.68 -10.86
S SO4 J . 12.53 5.92 -32.98
O1 SO4 J . 13.86 5.80 -33.67
O2 SO4 J . 12.70 6.48 -31.60
O3 SO4 J . 11.89 4.59 -32.93
O4 SO4 J . 11.65 6.84 -33.74
S SO4 K . 10.00 10.54 -25.56
O1 SO4 K . 10.08 10.19 -27.01
O2 SO4 K . 9.39 11.87 -25.46
O3 SO4 K . 11.35 10.65 -24.96
O4 SO4 K . 9.22 9.52 -24.79
S SO4 L . -9.49 17.09 -19.06
O1 SO4 L . -9.76 16.27 -20.29
O2 SO4 L . -8.64 18.23 -19.47
O3 SO4 L . -8.79 16.42 -17.91
O4 SO4 L . -10.82 17.58 -18.60
S SO4 M . 8.48 15.25 -0.34
O1 SO4 M . 9.26 14.55 -1.38
O2 SO4 M . 9.12 16.57 -0.17
O3 SO4 M . 8.59 14.50 0.95
O4 SO4 M . 7.05 15.33 -0.75
S SO4 N . 8.80 -13.32 -16.64
O1 SO4 N . 10.28 -13.15 -16.64
O2 SO4 N . 8.19 -13.14 -15.28
O3 SO4 N . 8.49 -14.69 -17.12
O4 SO4 N . 8.27 -12.30 -17.58
S SO4 O . -5.83 12.07 -31.70
O1 SO4 O . -4.67 11.92 -32.61
O2 SO4 O . -5.88 13.50 -31.33
O3 SO4 O . -5.69 11.24 -30.46
O4 SO4 O . -7.04 11.70 -32.47
C TRS P . -10.46 16.04 -13.76
C1 TRS P . -10.78 15.03 -14.86
C2 TRS P . -10.56 15.36 -12.39
C3 TRS P . -9.10 16.74 -13.96
N TRS P . -11.53 17.07 -13.78
O1 TRS P . -11.20 15.71 -16.04
O2 TRS P . -10.44 16.33 -11.35
O3 TRS P . -7.98 15.84 -14.01
N1 82E Q . 16.74 -11.14 10.65
S2 82E Q . 15.44 -10.38 10.14
O5 82E Q . 15.42 -8.98 10.36
O6 82E Q . 15.30 -10.68 8.75
C7 82E Q . 14.04 -11.05 10.72
C8 82E Q . 13.77 -12.42 10.78
C9 82E Q . 12.46 -12.69 11.25
C10 82E Q . 11.76 -11.51 11.55
S11 82E Q . 12.69 -10.12 11.21
C12 82E Q . 10.33 -11.41 11.94
N13 82E Q . 9.75 -10.27 12.35
N14 82E Q . 8.37 -10.60 12.45
N15 82E Q . 8.25 -11.94 12.04
C16 82E Q . 9.44 -12.41 11.64
C17 82E Q . 7.05 -12.59 11.93
C18 82E Q . 6.92 -13.86 11.29
C19 82E Q . 5.71 -14.53 11.13
C20 82E Q . 4.51 -13.96 11.59
C21 82E Q . 4.59 -12.72 12.23
C22 82E Q . 5.82 -12.07 12.38
O23 82E Q . 3.30 -14.61 11.45
C24 82E Q . 3.03 -15.67 10.51
ZN ZN R . 17.89 -9.99 11.82
C1 GOL S . 15.80 -12.94 15.05
O1 GOL S . 15.44 -14.29 15.38
C2 GOL S . 14.81 -11.94 15.61
O2 GOL S . 14.89 -11.85 17.05
C3 GOL S . 13.40 -12.30 15.15
O3 GOL S . 12.70 -11.11 14.83
S SO4 T . 30.32 8.71 26.14
O1 SO4 T . 30.89 8.58 24.78
O2 SO4 T . 30.94 9.88 26.84
O3 SO4 T . 30.64 7.49 26.92
O4 SO4 T . 28.86 8.86 26.08
S SO4 U . 20.19 -21.60 3.76
O1 SO4 U . 20.86 -21.18 2.52
O2 SO4 U . 20.48 -20.66 4.88
O3 SO4 U . 20.63 -22.96 4.18
O4 SO4 U . 18.74 -21.60 3.44
S SO4 V . 11.00 -17.31 -5.64
O1 SO4 V . 11.34 -18.41 -6.58
O2 SO4 V . 12.22 -16.69 -5.12
O3 SO4 V . 10.22 -17.92 -4.53
O4 SO4 V . 10.16 -16.27 -6.31
S SO4 W . 25.85 -20.48 10.34
O1 SO4 W . 27.19 -20.07 9.85
O2 SO4 W . 25.61 -19.92 11.70
O3 SO4 W . 25.88 -21.95 10.55
O4 SO4 W . 24.79 -20.08 9.34
S SO4 X . 31.73 -0.75 4.51
O1 SO4 X . 32.77 -1.46 3.73
O2 SO4 X . 32.39 0.37 5.25
O3 SO4 X . 31.18 -1.67 5.52
O4 SO4 X . 30.58 -0.33 3.65
C TRS Y . 21.63 -22.39 8.18
C1 TRS Y . 22.70 -21.87 7.18
C2 TRS Y . 20.32 -22.99 7.71
C3 TRS Y . 21.71 -21.93 9.62
N TRS Y . 22.29 -23.73 8.48
O1 TRS Y . 22.33 -20.57 6.72
O2 TRS Y . 20.37 -23.72 6.50
O3 TRS Y . 23.04 -21.83 10.10
N1 82E Z . -1.81 32.53 12.91
S2 82E Z . -0.99 31.47 13.77
O5 82E Z . 0.19 32.18 14.04
O6 82E Z . -0.65 30.25 13.06
C7 82E Z . -1.74 31.12 15.21
C8 82E Z . -2.46 32.05 15.98
C9 82E Z . -2.94 31.47 17.19
C10 82E Z . -2.61 30.11 17.27
S11 82E Z . -1.69 29.56 15.93
C12 82E Z . -2.83 29.21 18.42
N13 82E Z . -2.77 27.86 18.36
N14 82E Z . -2.89 27.41 19.69
N15 82E Z . -2.93 28.58 20.48
C16 82E Z . -2.84 29.70 19.73
C17 82E Z . -3.04 28.52 21.84
C18 82E Z . -3.22 27.31 22.52
C19 82E Z . -3.34 27.20 23.91
C20 82E Z . -3.26 28.33 24.72
C21 82E Z . -3.07 29.57 24.08
C22 82E Z . -2.96 29.65 22.69
O23 82E Z . -3.37 28.18 26.09
C24 82E Z . -3.12 29.22 27.05
ZN ZN AA . -2.38 31.55 11.11
C1 GOL BA . -5.59 29.82 14.76
O1 GOL BA . -5.74 28.72 15.63
C2 GOL BA . -6.97 30.40 14.42
O2 GOL BA . -7.79 29.47 13.65
C3 GOL BA . -6.74 31.66 13.63
O3 GOL BA . -7.67 32.64 14.10
S SO4 CA . -0.87 44.87 15.56
O1 SO4 CA . -1.26 43.79 14.63
O2 SO4 CA . 0.25 45.63 14.98
O3 SO4 CA . -0.51 44.37 16.93
O4 SO4 CA . -2.10 45.70 15.71
S SO4 DA . 12.79 46.44 9.97
O1 SO4 DA . 14.24 46.11 9.89
O2 SO4 DA . 12.50 47.75 9.38
O3 SO4 DA . 12.45 46.50 11.42
O4 SO4 DA . 11.96 45.45 9.21
S SO4 EA . -8.96 36.55 -2.26
O1 SO4 EA . -7.86 36.93 -3.20
O2 SO4 EA . -9.58 37.80 -1.78
O3 SO4 EA . -8.44 35.79 -1.08
O4 SO4 EA . -10.03 35.84 -3.01
N1 82E FA . -19.18 -21.07 0.99
S2 82E FA . -19.02 -20.72 -0.56
O5 82E FA . -18.13 -21.67 -1.20
O6 82E FA . -20.32 -20.72 -1.19
C7 82E FA . -18.52 -19.14 -0.78
C8 82E FA . -19.09 -18.06 -0.11
C9 82E FA . -18.51 -16.84 -0.51
C10 82E FA . -17.52 -17.03 -1.48
S11 82E FA . -17.30 -18.68 -1.92
C12 82E FA . -16.72 -16.01 -2.23
N13 82E FA . -15.70 -16.42 -3.03
N14 82E FA . -15.24 -15.24 -3.65
N15 82E FA . -16.05 -14.22 -3.14
C16 82E FA . -17.02 -14.66 -2.32
C17 82E FA . -15.90 -12.95 -3.60
C18 82E FA . -16.99 -12.05 -3.66
C19 82E FA . -16.90 -10.76 -4.17
C20 82E FA . -15.69 -10.29 -4.68
C21 82E FA . -14.59 -11.15 -4.66
C22 82E FA . -14.70 -12.45 -4.15
O23 82E FA . -15.54 -9.02 -5.20
C24 82E FA . -16.46 -7.95 -4.94
ZN ZN GA . -17.99 -22.53 1.60
C1 GOL HA . -16.34 -17.96 3.56
O1 GOL HA . -17.31 -17.01 3.10
C2 GOL HA . -15.04 -17.70 2.82
O2 GOL HA . -13.97 -18.48 3.36
C3 GOL HA . -15.21 -18.00 1.34
O3 GOL HA . -14.78 -16.83 0.64
S SO4 IA . -37.69 -28.51 -0.46
O1 SO4 IA . -36.25 -28.63 -0.15
O2 SO4 IA . -38.45 -28.26 0.78
O3 SO4 IA . -38.11 -29.77 -1.11
O4 SO4 IA . -38.00 -27.45 -1.42
S SO4 JA . -1.15 -32.11 -12.52
O1 SO4 JA . 0.08 -32.85 -12.88
O2 SO4 JA . -0.78 -30.83 -11.84
O3 SO4 JA . -1.93 -32.96 -11.60
O4 SO4 JA . -1.99 -31.88 -13.75
S SO4 KA . -30.61 -20.92 -10.01
O1 SO4 KA . -30.51 -21.59 -11.32
O2 SO4 KA . -29.44 -20.06 -9.68
O3 SO4 KA . -30.70 -21.98 -8.98
O4 SO4 KA . -31.87 -20.15 -10.12
C TRS LA . -27.67 -17.35 9.38
C1 TRS LA . -26.17 -17.67 9.47
C2 TRS LA . -27.88 -16.29 8.30
C3 TRS LA . -28.52 -18.62 9.15
N TRS LA . -28.07 -16.77 10.68
O1 TRS LA . -25.86 -18.31 10.71
O2 TRS LA . -29.22 -15.78 8.30
O3 TRS LA . -28.07 -19.40 8.03
#